data_5MT9
#
_entry.id   5MT9
#
_cell.length_a   159.310
_cell.length_b   159.310
_cell.length_c   76.500
_cell.angle_alpha   90.000
_cell.angle_beta   90.000
_cell.angle_gamma   120.000
#
_symmetry.space_group_name_H-M   'H 3'
#
loop_
_entity.id
_entity.type
_entity.pdbx_description
1 polymer Insulin
2 polymer Insulin
3 non-polymer 'ZINC ION'
4 non-polymer 'CHLORIDE ION'
5 non-polymer ARGININE
6 non-polymer SEROTONIN
7 water water
#
loop_
_entity_poly.entity_id
_entity_poly.type
_entity_poly.pdbx_seq_one_letter_code
_entity_poly.pdbx_strand_id
1 'polypeptide(L)' GIVEQCCTSICSLYQLENYCN A,C,E,G,I,K,M,O,Q,S,U,W,Y,a,c,e
2 'polypeptide(L)' FVNQHLCGSHLVEALYLVCGERGFFYTPKT B,D,F,H,J,L,N,P,R,T,V,X,Z,b,d,f
#
loop_
_chem_comp.id
_chem_comp.type
_chem_comp.name
_chem_comp.formula
CL non-polymer 'CHLORIDE ION' 'Cl -1'
SRO non-polymer SEROTONIN 'C10 H12 N2 O'
ZN non-polymer 'ZINC ION' 'Zn 2'
#
# COMPACT_ATOMS: atom_id res chain seq x y z
N ILE A 2 31.57 8.39 -7.96
CA ILE A 2 30.92 9.22 -9.04
C ILE A 2 31.94 10.09 -9.77
N VAL A 3 32.79 10.77 -8.99
CA VAL A 3 33.75 11.72 -9.51
C VAL A 3 34.78 11.04 -10.45
N GLU A 4 35.27 9.86 -10.08
CA GLU A 4 36.17 9.07 -10.91
C GLU A 4 35.48 8.66 -12.20
N GLN A 5 34.37 7.91 -12.06
CA GLN A 5 33.53 7.53 -13.20
C GLN A 5 33.24 8.67 -14.21
N CYS A 6 32.84 9.86 -13.70
CA CYS A 6 32.36 10.95 -14.57
C CYS A 6 33.20 12.21 -14.73
N CYS A 7 34.11 12.49 -13.82
CA CYS A 7 34.99 13.67 -13.93
C CYS A 7 36.42 13.25 -14.34
N THR A 8 37.00 12.28 -13.63
CA THR A 8 38.31 11.73 -13.98
C THR A 8 38.19 10.97 -15.32
N SER A 9 37.48 9.83 -15.34
CA SER A 9 37.12 9.15 -16.61
C SER A 9 35.91 9.85 -17.20
N ILE A 10 35.61 9.60 -18.46
CA ILE A 10 34.45 10.20 -19.12
C ILE A 10 33.20 9.35 -18.81
N CYS A 11 32.04 10.00 -18.85
CA CYS A 11 30.78 9.37 -18.48
C CYS A 11 29.68 9.46 -19.49
N SER A 12 28.68 8.62 -19.27
CA SER A 12 27.50 8.56 -20.11
C SER A 12 26.30 8.92 -19.22
N LEU A 13 25.28 9.54 -19.82
CA LEU A 13 24.04 9.83 -19.09
C LEU A 13 23.35 8.52 -18.73
N TYR A 14 23.56 7.49 -19.58
CA TYR A 14 23.05 6.13 -19.37
C TYR A 14 23.66 5.46 -18.13
N GLN A 15 24.98 5.64 -17.93
CA GLN A 15 25.76 5.22 -16.76
C GLN A 15 25.43 5.91 -15.42
N LEU A 16 24.84 7.10 -15.52
CA LEU A 16 24.53 7.91 -14.35
C LEU A 16 23.15 7.53 -13.80
N GLU A 17 22.32 6.87 -14.63
CA GLU A 17 21.09 6.17 -14.18
C GLU A 17 21.36 5.25 -12.98
N ASN A 18 22.59 4.71 -12.91
CA ASN A 18 23.06 3.90 -11.77
C ASN A 18 22.84 4.57 -10.43
N TYR A 19 23.10 5.88 -10.37
CA TYR A 19 23.11 6.61 -9.12
C TYR A 19 21.75 7.13 -8.74
N CYS A 20 20.75 6.95 -9.61
CA CYS A 20 19.42 7.36 -9.25
C CYS A 20 18.92 6.47 -8.09
N ASN A 21 18.40 7.09 -7.03
CA ASN A 21 18.07 6.37 -5.80
C ASN A 21 16.90 5.40 -5.97
N HIS B 5 33.81 15.23 -19.98
CA HIS B 5 34.42 15.70 -18.67
C HIS B 5 33.40 16.47 -17.80
N LEU B 6 32.82 15.80 -16.79
CA LEU B 6 31.75 16.32 -15.91
C LEU B 6 32.23 16.45 -14.47
N CYS B 7 32.70 17.63 -14.08
CA CYS B 7 33.20 17.94 -12.74
C CYS B 7 32.47 19.11 -12.01
N GLY B 8 32.57 19.11 -10.68
CA GLY B 8 31.94 20.11 -9.84
C GLY B 8 30.41 20.15 -10.01
N SER B 9 29.86 21.35 -10.15
CA SER B 9 28.45 21.50 -10.29
C SER B 9 27.92 20.99 -11.60
N HIS B 10 28.78 20.80 -12.63
CA HIS B 10 28.34 20.21 -13.89
C HIS B 10 28.02 18.75 -13.69
N LEU B 11 28.71 18.07 -12.79
CA LEU B 11 28.42 16.63 -12.53
C LEU B 11 27.05 16.54 -11.83
N VAL B 12 26.85 17.42 -10.88
CA VAL B 12 25.54 17.53 -10.27
C VAL B 12 24.44 17.89 -11.27
N GLU B 13 24.69 18.87 -12.14
CA GLU B 13 23.69 19.16 -13.20
C GLU B 13 23.40 17.86 -14.00
N ALA B 14 24.43 17.07 -14.32
CA ALA B 14 24.19 15.88 -15.18
C ALA B 14 23.39 14.80 -14.40
N LEU B 15 23.73 14.63 -13.14
CA LEU B 15 22.98 13.76 -12.23
C LEU B 15 21.52 14.13 -12.16
N TYR B 16 21.26 15.42 -12.13
CA TYR B 16 19.89 15.93 -12.14
C TYR B 16 19.12 15.72 -13.44
N LEU B 17 19.78 15.82 -14.60
CA LEU B 17 19.07 15.59 -15.90
C LEU B 17 18.42 14.16 -15.99
N VAL B 18 19.23 13.21 -15.62
CA VAL B 18 18.91 11.80 -15.53
C VAL B 18 18.01 11.37 -14.34
N CYS B 19 18.27 11.90 -13.14
CA CYS B 19 17.65 11.40 -11.87
C CYS B 19 16.71 12.38 -11.15
N GLY B 20 16.72 13.63 -11.53
CA GLY B 20 15.90 14.63 -10.88
C GLY B 20 14.46 14.29 -10.56
N GLU B 21 13.85 13.37 -11.31
CA GLU B 21 12.46 12.95 -11.00
C GLU B 21 12.43 11.82 -10.00
N ARG B 22 13.45 10.95 -10.00
CA ARG B 22 13.55 9.83 -9.08
C ARG B 22 14.16 10.27 -7.75
N GLY B 23 15.24 11.04 -7.83
CA GLY B 23 16.02 11.47 -6.67
C GLY B 23 17.35 10.76 -6.76
N PHE B 24 18.33 11.22 -6.00
CA PHE B 24 19.66 10.64 -5.98
C PHE B 24 20.43 11.11 -4.75
N PHE B 25 21.59 10.49 -4.56
CA PHE B 25 22.55 10.81 -3.51
C PHE B 25 23.75 11.34 -4.21
N TYR B 26 24.38 12.37 -3.69
CA TYR B 26 25.65 12.79 -4.20
C TYR B 26 26.60 12.76 -3.03
N THR B 27 27.67 11.99 -3.18
CA THR B 27 28.62 11.72 -2.13
C THR B 27 29.96 11.81 -2.81
N PRO B 28 30.59 12.98 -2.78
CA PRO B 28 31.83 13.04 -3.56
C PRO B 28 32.95 12.11 -3.00
N LYS B 29 33.11 12.04 -1.67
CA LYS B 29 34.18 11.25 -1.02
C LYS B 29 33.66 9.89 -0.52
N ILE C 2 12.51 18.32 0.66
CA ILE C 2 13.16 19.63 0.24
C ILE C 2 12.32 20.43 -0.76
N VAL C 3 11.61 19.78 -1.67
CA VAL C 3 10.85 20.51 -2.69
C VAL C 3 9.73 21.23 -1.96
N GLU C 4 9.05 20.46 -1.11
CA GLU C 4 7.91 20.95 -0.36
C GLU C 4 8.35 22.15 0.42
N GLN C 5 9.37 21.98 1.26
CA GLN C 5 9.85 23.08 2.09
C GLN C 5 10.44 24.25 1.26
N CYS C 6 11.18 23.95 0.19
CA CYS C 6 12.04 24.94 -0.46
C CYS C 6 11.64 25.45 -1.85
N CYS C 7 10.65 24.86 -2.51
CA CYS C 7 10.13 25.45 -3.75
C CYS C 7 8.80 26.18 -3.53
N THR C 8 8.52 26.55 -2.28
CA THR C 8 7.19 27.02 -1.82
C THR C 8 7.36 28.42 -1.34
N SER C 9 8.17 28.52 -0.31
CA SER C 9 8.67 29.76 0.22
C SER C 9 10.13 29.72 -0.21
N ILE C 10 10.77 30.88 -0.19
CA ILE C 10 12.23 30.89 -0.30
C ILE C 10 12.70 30.21 0.95
N CYS C 11 13.52 29.18 0.80
CA CYS C 11 14.28 28.57 1.92
C CYS C 11 15.50 29.35 2.24
N SER C 12 16.07 29.03 3.40
CA SER C 12 17.24 29.67 3.94
C SER C 12 18.34 28.67 3.97
N LEU C 13 19.57 29.11 4.17
CA LEU C 13 20.70 28.19 4.10
C LEU C 13 20.73 27.13 5.22
N TYR C 14 19.92 27.34 6.27
CA TYR C 14 19.63 26.34 7.28
C TYR C 14 18.58 25.37 6.79
N GLN C 15 17.48 25.80 6.19
CA GLN C 15 16.58 24.79 5.63
C GLN C 15 17.43 23.81 4.73
N LEU C 16 18.19 24.39 3.79
CA LEU C 16 19.01 23.61 2.83
C LEU C 16 20.00 22.65 3.46
N GLU C 17 20.66 23.11 4.51
CA GLU C 17 21.70 22.28 5.13
C GLU C 17 21.15 20.99 5.81
N ASN C 18 19.86 20.92 6.03
CA ASN C 18 19.21 19.68 6.49
C ASN C 18 19.22 18.56 5.44
N TYR C 19 19.78 18.80 4.25
CA TYR C 19 19.84 17.73 3.23
C TYR C 19 21.26 17.40 2.86
N CYS C 20 22.22 17.93 3.62
CA CYS C 20 23.53 17.43 3.56
C CYS C 20 23.57 16.01 4.19
N ASN C 21 24.52 15.18 3.75
CA ASN C 21 24.66 13.82 4.27
C ASN C 21 25.21 13.87 5.70
N PHE D 1 5.41 18.57 -11.32
CA PHE D 1 5.23 20.06 -11.24
C PHE D 1 6.42 20.78 -11.91
N VAL D 2 6.27 21.12 -13.19
CA VAL D 2 7.34 21.72 -14.01
C VAL D 2 8.14 22.75 -13.25
N ASN D 3 7.45 23.72 -12.65
CA ASN D 3 8.12 24.80 -11.96
C ASN D 3 8.85 24.30 -10.74
N GLN D 4 8.38 23.20 -10.15
CA GLN D 4 9.16 22.48 -9.11
C GLN D 4 10.34 21.71 -9.69
N HIS D 5 10.18 21.18 -10.89
CA HIS D 5 11.27 20.47 -11.55
C HIS D 5 12.44 21.44 -11.88
N LEU D 6 12.10 22.59 -12.47
CA LEU D 6 13.00 23.73 -12.64
C LEU D 6 13.56 24.17 -11.29
N CYS D 7 12.70 24.33 -10.30
CA CYS D 7 13.14 24.63 -8.96
C CYS D 7 14.11 23.59 -8.42
N GLY D 8 13.86 22.32 -8.68
CA GLY D 8 14.81 21.25 -8.22
C GLY D 8 16.23 21.39 -8.81
N SER D 9 16.29 21.83 -10.06
CA SER D 9 17.51 22.08 -10.70
C SER D 9 18.32 23.09 -9.88
N HIS D 10 17.71 24.21 -9.52
CA HIS D 10 18.37 25.19 -8.62
C HIS D 10 18.76 24.66 -7.20
N LEU D 11 17.94 23.82 -6.60
CA LEU D 11 18.21 23.30 -5.26
C LEU D 11 19.46 22.42 -5.20
N VAL D 12 19.62 21.55 -6.18
CA VAL D 12 20.79 20.66 -6.19
C VAL D 12 22.05 21.44 -6.40
N GLU D 13 21.97 22.52 -7.22
CA GLU D 13 23.12 23.43 -7.36
C GLU D 13 23.44 24.07 -6.05
N ALA D 14 22.42 24.58 -5.36
CA ALA D 14 22.60 25.11 -4.01
C ALA D 14 23.11 24.08 -2.94
N LEU D 15 22.61 22.87 -2.95
CA LEU D 15 23.10 21.85 -2.03
C LEU D 15 24.54 21.49 -2.30
N TYR D 16 24.91 21.45 -3.58
CA TYR D 16 26.30 21.20 -3.99
C TYR D 16 27.29 22.15 -3.29
N LEU D 17 27.00 23.44 -3.33
CA LEU D 17 27.83 24.44 -2.66
C LEU D 17 27.67 24.42 -1.13
N VAL D 18 26.43 24.39 -0.65
CA VAL D 18 26.12 24.36 0.78
C VAL D 18 26.84 23.23 1.52
N CYS D 19 26.90 22.03 0.94
CA CYS D 19 27.26 20.80 1.68
C CYS D 19 28.74 20.46 1.71
N GLY D 20 29.49 20.85 0.69
CA GLY D 20 30.94 20.63 0.66
C GLY D 20 31.29 19.17 0.37
N GLU D 21 32.39 18.68 0.98
CA GLU D 21 32.85 17.29 0.82
C GLU D 21 31.86 16.24 1.37
N ARG D 22 30.94 16.66 2.23
CA ARG D 22 29.87 15.79 2.75
C ARG D 22 28.91 15.27 1.70
N GLY D 23 28.61 16.11 0.70
CA GLY D 23 27.64 15.71 -0.33
C GLY D 23 26.25 15.86 0.24
N PHE D 24 25.24 15.39 -0.48
CA PHE D 24 23.86 15.63 -0.11
C PHE D 24 23.01 14.55 -0.69
N PHE D 25 21.74 14.54 -0.32
CA PHE D 25 20.74 13.63 -0.89
C PHE D 25 19.61 14.49 -1.35
N TYR D 26 19.09 14.19 -2.56
CA TYR D 26 17.98 14.92 -3.22
C TYR D 26 16.89 13.90 -3.47
N THR D 27 15.64 14.28 -3.19
CA THR D 27 14.49 13.40 -3.24
C THR D 27 13.22 14.27 -3.35
N PRO D 28 12.45 14.16 -4.45
CA PRO D 28 11.09 14.79 -4.44
C PRO D 28 10.12 14.05 -3.51
N GLY E 1 6.39 1.98 -9.36
CA GLY E 1 5.57 1.15 -10.28
C GLY E 1 4.78 0.09 -9.54
N ILE E 2 3.52 -0.09 -9.96
CA ILE E 2 2.78 -1.34 -9.66
C ILE E 2 3.47 -2.54 -10.34
N VAL E 3 3.96 -2.36 -11.56
CA VAL E 3 4.67 -3.38 -12.35
C VAL E 3 5.91 -3.94 -11.61
N GLU E 4 6.74 -3.06 -11.06
CA GLU E 4 7.90 -3.50 -10.26
C GLU E 4 7.45 -4.40 -9.10
N GLN E 5 6.61 -3.86 -8.24
CA GLN E 5 6.17 -4.59 -7.04
C GLN E 5 5.36 -5.88 -7.33
N CYS E 6 4.73 -6.00 -8.51
CA CYS E 6 3.82 -7.14 -8.81
C CYS E 6 4.14 -8.05 -10.01
N CYS E 7 4.70 -7.51 -11.09
CA CYS E 7 5.05 -8.31 -12.27
C CYS E 7 6.49 -8.84 -12.24
N THR E 8 7.43 -7.95 -11.97
CA THR E 8 8.85 -8.28 -11.86
C THR E 8 9.09 -8.93 -10.51
N SER E 9 8.94 -8.17 -9.42
CA SER E 9 8.89 -8.77 -8.08
C SER E 9 7.49 -9.29 -7.76
N ILE E 10 7.41 -10.06 -6.68
CA ILE E 10 6.12 -10.60 -6.16
C ILE E 10 5.41 -9.61 -5.23
N CYS E 11 4.11 -9.40 -5.45
CA CYS E 11 3.25 -8.76 -4.45
C CYS E 11 2.15 -9.73 -4.09
N SER E 12 1.26 -9.31 -3.20
CA SER E 12 0.05 -10.05 -2.90
C SER E 12 -1.16 -9.14 -3.13
N LEU E 13 -2.34 -9.72 -2.93
CA LEU E 13 -3.60 -8.98 -3.06
C LEU E 13 -3.70 -7.95 -1.97
N TYR E 14 -3.08 -8.27 -0.84
CA TYR E 14 -3.02 -7.34 0.28
C TYR E 14 -2.23 -6.08 -0.03
N GLN E 15 -1.10 -6.26 -0.72
CA GLN E 15 -0.31 -5.15 -1.18
C GLN E 15 -1.06 -4.31 -2.24
N LEU E 16 -1.89 -4.95 -3.10
CA LEU E 16 -2.71 -4.25 -4.11
C LEU E 16 -3.82 -3.32 -3.53
N GLU E 17 -4.36 -3.61 -2.35
CA GLU E 17 -5.21 -2.66 -1.69
C GLU E 17 -4.63 -1.22 -1.67
N ASN E 18 -3.32 -1.12 -1.61
CA ASN E 18 -2.66 0.18 -1.52
C ASN E 18 -2.92 1.04 -2.73
N TYR E 19 -3.24 0.41 -3.88
CA TYR E 19 -3.62 1.14 -5.10
C TYR E 19 -5.11 1.43 -5.26
N CYS E 20 -5.95 1.05 -4.32
CA CYS E 20 -7.34 1.41 -4.41
C CYS E 20 -7.60 2.89 -4.06
N ASN E 21 -8.61 3.46 -4.66
CA ASN E 21 -9.06 4.77 -4.25
C ASN E 21 -9.62 4.62 -2.84
N HIS F 5 4.55 -13.98 -10.96
CA HIS F 5 3.12 -13.87 -10.59
C HIS F 5 2.37 -12.89 -11.60
N LEU F 6 2.19 -11.58 -11.35
CA LEU F 6 1.12 -10.77 -12.03
C LEU F 6 1.50 -9.77 -13.11
N CYS F 7 1.32 -10.16 -14.36
CA CYS F 7 1.76 -9.35 -15.48
C CYS F 7 0.65 -9.09 -16.53
N GLY F 8 0.74 -7.95 -17.20
CA GLY F 8 -0.24 -7.45 -18.15
C GLY F 8 -1.67 -7.36 -17.66
N SER F 9 -2.54 -8.05 -18.37
CA SER F 9 -3.95 -8.01 -18.09
C SER F 9 -4.25 -8.72 -16.77
N HIS F 10 -3.36 -9.63 -16.34
CA HIS F 10 -3.51 -10.34 -15.08
C HIS F 10 -3.34 -9.43 -13.88
N LEU F 11 -2.51 -8.44 -14.03
CA LEU F 11 -2.34 -7.44 -12.98
C LEU F 11 -3.56 -6.54 -12.89
N VAL F 12 -4.06 -6.16 -14.02
CA VAL F 12 -5.35 -5.42 -14.02
C VAL F 12 -6.52 -6.27 -13.47
N GLU F 13 -6.62 -7.55 -13.85
CA GLU F 13 -7.60 -8.44 -13.17
C GLU F 13 -7.45 -8.43 -11.67
N ALA F 14 -6.21 -8.57 -11.16
CA ALA F 14 -6.04 -8.60 -9.72
C ALA F 14 -6.41 -7.26 -9.04
N LEU F 15 -6.03 -6.17 -9.70
CA LEU F 15 -6.46 -4.86 -9.25
C LEU F 15 -7.95 -4.69 -9.19
N TYR F 16 -8.69 -5.21 -10.21
CA TYR F 16 -10.16 -5.13 -10.17
C TYR F 16 -10.72 -5.98 -9.05
N LEU F 17 -10.08 -7.11 -8.79
CA LEU F 17 -10.58 -8.04 -7.76
C LEU F 17 -10.53 -7.34 -6.39
N VAL F 18 -9.46 -6.67 -6.12
CA VAL F 18 -9.33 -5.98 -4.84
C VAL F 18 -9.99 -4.60 -4.73
N CYS F 19 -9.86 -3.78 -5.75
CA CYS F 19 -10.34 -2.35 -5.77
C CYS F 19 -11.54 -2.06 -6.73
N GLY F 20 -12.00 -3.03 -7.51
CA GLY F 20 -13.18 -2.89 -8.37
C GLY F 20 -14.40 -2.16 -7.81
N GLU F 21 -14.66 -2.28 -6.51
CA GLU F 21 -15.84 -1.60 -5.89
C GLU F 21 -15.49 -0.19 -5.42
N ARG F 22 -14.24 0.07 -5.13
CA ARG F 22 -13.78 1.39 -4.71
C ARG F 22 -13.25 2.26 -5.83
N GLY F 23 -12.78 1.67 -6.95
CA GLY F 23 -12.13 2.41 -7.98
C GLY F 23 -10.65 2.34 -7.80
N PHE F 24 -9.93 2.62 -8.87
CA PHE F 24 -8.45 2.67 -8.85
C PHE F 24 -7.84 3.40 -10.02
N PHE F 25 -6.56 3.74 -9.91
CA PHE F 25 -5.76 4.21 -11.03
C PHE F 25 -4.81 3.09 -11.42
N TYR F 26 -4.65 2.88 -12.73
CA TYR F 26 -3.65 2.00 -13.24
C TYR F 26 -2.69 2.87 -14.03
N THR F 27 -1.49 3.04 -13.47
CA THR F 27 -0.48 3.93 -14.06
C THR F 27 0.80 3.09 -14.15
N PRO F 28 0.98 2.34 -15.22
CA PRO F 28 2.14 1.47 -15.19
C PRO F 28 3.50 2.23 -15.18
N LYS F 29 3.70 3.15 -16.15
CA LYS F 29 5.01 3.79 -16.42
C LYS F 29 5.56 4.59 -15.25
N GLY G 1 -20.33 8.27 -15.52
CA GLY G 1 -19.00 7.53 -15.50
C GLY G 1 -19.05 6.36 -16.49
N ILE G 2 -17.97 5.59 -16.49
CA ILE G 2 -17.81 4.58 -17.53
C ILE G 2 -18.85 3.49 -17.45
N VAL G 3 -19.26 3.10 -16.25
CA VAL G 3 -20.26 2.00 -16.08
C VAL G 3 -21.60 2.40 -16.68
N GLU G 4 -22.02 3.61 -16.36
CA GLU G 4 -23.27 4.17 -16.89
C GLU G 4 -23.23 4.29 -18.42
N GLN G 5 -22.16 4.87 -18.97
CA GLN G 5 -22.00 5.04 -20.42
C GLN G 5 -21.82 3.70 -21.15
N CYS G 6 -20.98 2.80 -20.62
CA CYS G 6 -20.51 1.61 -21.35
C CYS G 6 -21.09 0.24 -20.96
N CYS G 7 -21.91 0.19 -19.90
CA CYS G 7 -22.66 -1.03 -19.59
C CYS G 7 -24.11 -0.99 -20.06
N THR G 8 -24.56 0.19 -20.42
CA THR G 8 -25.91 0.39 -20.98
C THR G 8 -25.86 0.38 -22.51
N SER G 9 -24.74 0.81 -23.13
CA SER G 9 -24.57 0.73 -24.58
C SER G 9 -23.10 0.40 -24.85
N ILE G 10 -22.89 -0.20 -25.99
CA ILE G 10 -21.56 -0.61 -26.39
C ILE G 10 -20.77 0.59 -26.82
N CYS G 11 -19.72 0.88 -26.08
CA CYS G 11 -18.90 2.01 -26.36
C CYS G 11 -17.92 1.71 -27.46
N SER G 12 -17.53 2.76 -28.19
CA SER G 12 -16.52 2.63 -29.19
C SER G 12 -15.20 2.72 -28.49
N LEU G 13 -14.16 2.33 -29.21
CA LEU G 13 -12.82 2.51 -28.71
C LEU G 13 -12.45 4.00 -28.41
N TYR G 14 -12.87 4.93 -29.26
CA TYR G 14 -12.76 6.39 -28.96
C TYR G 14 -13.41 6.75 -27.58
N GLN G 15 -14.61 6.26 -27.32
CA GLN G 15 -15.30 6.51 -26.06
C GLN G 15 -14.56 5.91 -24.85
N LEU G 16 -14.14 4.63 -24.95
CA LEU G 16 -13.30 4.07 -23.87
C LEU G 16 -12.07 4.90 -23.66
N GLU G 17 -11.50 5.40 -24.77
CA GLU G 17 -10.22 6.14 -24.68
C GLU G 17 -10.26 7.47 -23.82
N ASN G 18 -11.46 7.96 -23.58
CA ASN G 18 -11.70 9.08 -22.61
C ASN G 18 -11.38 8.75 -21.15
N TYR G 19 -11.23 7.46 -20.81
CA TYR G 19 -10.82 7.06 -19.46
C TYR G 19 -9.39 6.65 -19.36
N CYS G 20 -8.61 6.89 -20.42
CA CYS G 20 -7.17 6.75 -20.33
C CYS G 20 -6.65 7.98 -19.53
N ASN G 21 -5.55 7.78 -18.81
CA ASN G 21 -4.79 8.88 -18.23
C ASN G 21 -4.19 9.78 -19.31
N PHE H 1 -24.79 -3.72 -7.91
CA PHE H 1 -25.52 -4.49 -8.95
C PHE H 1 -24.44 -5.41 -9.50
N VAL H 2 -24.66 -6.72 -9.41
CA VAL H 2 -23.71 -7.72 -9.85
C VAL H 2 -23.42 -7.59 -11.32
N ASN H 3 -24.44 -7.31 -12.15
CA ASN H 3 -24.20 -7.20 -13.57
C ASN H 3 -23.32 -6.05 -13.93
N GLN H 4 -23.36 -4.96 -13.15
CA GLN H 4 -22.46 -3.84 -13.34
C GLN H 4 -21.06 -4.20 -13.00
N HIS H 5 -20.96 -5.00 -11.95
CA HIS H 5 -19.69 -5.46 -11.44
C HIS H 5 -19.02 -6.43 -12.45
N LEU H 6 -19.79 -7.32 -13.04
CA LEU H 6 -19.29 -8.10 -14.22
C LEU H 6 -18.90 -7.24 -15.38
N CYS H 7 -19.77 -6.33 -15.83
CA CYS H 7 -19.41 -5.43 -16.90
C CYS H 7 -18.04 -4.66 -16.66
N GLY H 8 -17.86 -4.17 -15.44
CA GLY H 8 -16.66 -3.45 -15.06
C GLY H 8 -15.39 -4.28 -15.18
N SER H 9 -15.48 -5.61 -14.97
CA SER H 9 -14.31 -6.47 -15.13
C SER H 9 -13.91 -6.46 -16.62
N HIS H 10 -14.89 -6.46 -17.49
CA HIS H 10 -14.62 -6.44 -18.90
C HIS H 10 -14.11 -5.06 -19.36
N LEU H 11 -14.67 -4.01 -18.80
CA LEU H 11 -14.23 -2.66 -19.11
C LEU H 11 -12.79 -2.38 -18.77
N VAL H 12 -12.35 -2.86 -17.62
CA VAL H 12 -10.97 -2.58 -17.28
C VAL H 12 -9.98 -3.38 -18.11
N GLU H 13 -10.37 -4.59 -18.53
CA GLU H 13 -9.56 -5.32 -19.51
C GLU H 13 -9.48 -4.58 -20.84
N ALA H 14 -10.60 -3.99 -21.31
CA ALA H 14 -10.63 -3.21 -22.48
C ALA H 14 -9.72 -1.95 -22.35
N LEU H 15 -9.85 -1.23 -21.24
CA LEU H 15 -9.00 -0.05 -20.90
C LEU H 15 -7.50 -0.40 -20.89
N TYR H 16 -7.15 -1.53 -20.32
CA TYR H 16 -5.79 -1.98 -20.33
C TYR H 16 -5.21 -2.00 -21.74
N LEU H 17 -5.94 -2.59 -22.68
CA LEU H 17 -5.48 -2.66 -24.06
C LEU H 17 -5.60 -1.34 -24.76
N VAL H 18 -6.74 -0.63 -24.64
CA VAL H 18 -6.92 0.66 -25.32
CA VAL H 18 -6.87 0.62 -25.38
C VAL H 18 -5.82 1.68 -24.95
N CYS H 19 -5.54 1.78 -23.66
CA CYS H 19 -4.73 2.89 -23.11
C CYS H 19 -3.21 2.71 -23.14
N GLY H 20 -2.75 1.47 -23.19
CA GLY H 20 -1.32 1.15 -23.29
C GLY H 20 -0.53 1.75 -22.14
N GLU H 21 0.63 2.33 -22.48
CA GLU H 21 1.50 2.98 -21.52
C GLU H 21 0.90 4.17 -20.72
N ARG H 22 -0.16 4.81 -21.19
CA ARG H 22 -0.82 5.86 -20.41
C ARG H 22 -1.47 5.36 -19.11
N GLY H 23 -1.98 4.12 -19.15
CA GLY H 23 -2.84 3.63 -18.11
C GLY H 23 -4.22 4.28 -18.14
N PHE H 24 -4.98 4.06 -17.08
CA PHE H 24 -6.36 4.50 -17.02
C PHE H 24 -6.76 4.64 -15.62
N PHE H 25 -7.94 5.25 -15.44
CA PHE H 25 -8.60 5.38 -14.17
C PHE H 25 -9.99 4.73 -14.30
N TYR H 26 -10.34 3.91 -13.33
CA TYR H 26 -11.62 3.27 -13.30
C TYR H 26 -12.36 3.71 -12.08
N THR H 27 -13.59 4.19 -12.20
CA THR H 27 -14.43 4.33 -11.00
C THR H 27 -15.78 3.80 -11.29
N PRO H 28 -16.32 2.99 -10.39
CA PRO H 28 -17.65 2.44 -10.60
C PRO H 28 -18.79 3.39 -10.24
N LYS H 29 -18.50 4.47 -9.53
CA LYS H 29 -19.61 5.34 -9.04
C LYS H 29 -19.29 6.82 -9.25
N GLY I 1 -26.56 -17.74 -35.74
CA GLY I 1 -25.12 -17.63 -35.36
C GLY I 1 -24.96 -18.00 -33.89
N ILE I 2 -23.70 -18.06 -33.47
CA ILE I 2 -23.32 -18.43 -32.10
C ILE I 2 -24.04 -17.60 -30.99
N VAL I 3 -24.21 -16.30 -31.19
CA VAL I 3 -24.76 -15.47 -30.13
C VAL I 3 -26.21 -15.88 -29.87
N GLU I 4 -26.95 -16.06 -30.97
CA GLU I 4 -28.36 -16.39 -30.88
C GLU I 4 -28.49 -17.79 -30.23
N GLN I 5 -27.61 -18.73 -30.63
CA GLN I 5 -27.65 -20.08 -30.08
C GLN I 5 -27.11 -20.19 -28.66
N CYS I 6 -26.02 -19.48 -28.34
CA CYS I 6 -25.24 -19.77 -27.12
C CYS I 6 -25.25 -18.64 -26.06
N CYS I 7 -25.95 -17.54 -26.32
CA CYS I 7 -26.15 -16.51 -25.27
C CYS I 7 -27.55 -16.55 -24.62
N THR I 8 -28.49 -17.32 -25.20
CA THR I 8 -29.87 -17.52 -24.64
C THR I 8 -29.96 -18.77 -23.76
N SER I 9 -29.28 -19.84 -24.16
CA SER I 9 -29.15 -21.07 -23.36
C SER I 9 -27.70 -21.58 -23.40
N ILE I 10 -27.31 -22.41 -22.44
CA ILE I 10 -25.92 -22.84 -22.29
C ILE I 10 -25.64 -23.87 -23.36
N CYS I 11 -24.70 -23.57 -24.26
CA CYS I 11 -24.28 -24.55 -25.27
C CYS I 11 -23.39 -25.65 -24.71
N SER I 12 -23.45 -26.83 -25.33
CA SER I 12 -22.52 -27.89 -24.96
C SER I 12 -21.24 -27.63 -25.71
N LEU I 13 -20.18 -28.30 -25.32
CA LEU I 13 -18.96 -28.23 -26.06
C LEU I 13 -19.12 -28.71 -27.56
N TYR I 14 -20.02 -29.69 -27.81
CA TYR I 14 -20.37 -30.06 -29.19
C TYR I 14 -20.98 -28.90 -29.97
N GLN I 15 -21.91 -28.15 -29.38
CA GLN I 15 -22.47 -27.04 -30.07
C GLN I 15 -21.43 -25.96 -30.38
N LEU I 16 -20.51 -25.68 -29.44
CA LEU I 16 -19.43 -24.67 -29.72
C LEU I 16 -18.56 -25.08 -30.87
N GLU I 17 -18.27 -26.38 -30.93
CA GLU I 17 -17.41 -26.90 -31.96
C GLU I 17 -17.94 -26.73 -33.41
N ASN I 18 -19.19 -26.38 -33.59
CA ASN I 18 -19.71 -26.10 -34.92
C ASN I 18 -19.17 -24.79 -35.46
N TYR I 19 -18.55 -23.96 -34.60
CA TYR I 19 -18.04 -22.71 -35.00
C TYR I 19 -16.55 -22.76 -35.23
N CYS I 20 -15.92 -23.94 -35.10
CA CYS I 20 -14.55 -24.06 -35.48
C CYS I 20 -14.45 -24.07 -37.01
N ASN I 21 -13.27 -23.70 -37.49
CA ASN I 21 -12.96 -23.79 -38.93
C ASN I 21 -12.69 -25.28 -39.29
N PHE J 1 -28.66 -3.13 -21.39
CA PHE J 1 -27.40 -3.77 -20.90
C PHE J 1 -26.73 -4.45 -22.10
N VAL J 2 -25.38 -4.46 -22.12
CA VAL J 2 -24.63 -5.02 -23.22
C VAL J 2 -24.42 -6.54 -23.14
N ASN J 3 -25.43 -7.25 -22.61
CA ASN J 3 -25.48 -8.68 -22.50
C ASN J 3 -24.72 -9.48 -23.54
N GLN J 4 -25.07 -9.26 -24.81
CA GLN J 4 -24.53 -10.01 -25.93
C GLN J 4 -23.09 -9.76 -26.13
N HIS J 5 -22.71 -8.50 -25.94
CA HIS J 5 -21.32 -8.13 -26.21
C HIS J 5 -20.40 -8.82 -25.19
N LEU J 6 -20.86 -8.91 -23.94
CA LEU J 6 -20.17 -9.61 -22.87
C LEU J 6 -20.19 -11.09 -23.14
N CYS J 7 -21.32 -11.63 -23.51
CA CYS J 7 -21.42 -13.04 -23.80
C CYS J 7 -20.41 -13.46 -24.89
N GLY J 8 -20.34 -12.65 -25.93
CA GLY J 8 -19.43 -12.85 -27.07
C GLY J 8 -17.94 -12.95 -26.64
N SER J 9 -17.56 -12.08 -25.71
CA SER J 9 -16.23 -12.15 -25.13
C SER J 9 -15.90 -13.53 -24.48
N HIS J 10 -16.80 -14.11 -23.70
CA HIS J 10 -16.65 -15.43 -23.17
C HIS J 10 -16.73 -16.51 -24.28
N LEU J 11 -17.54 -16.30 -25.31
CA LEU J 11 -17.64 -17.33 -26.38
C LEU J 11 -16.35 -17.52 -27.10
N VAL J 12 -15.70 -16.40 -27.39
CA VAL J 12 -14.50 -16.40 -28.23
C VAL J 12 -13.37 -17.01 -27.42
N GLU J 13 -13.36 -16.75 -26.09
CA GLU J 13 -12.43 -17.45 -25.22
C GLU J 13 -12.68 -18.97 -25.20
N ALA J 14 -13.92 -19.41 -25.15
CA ALA J 14 -14.24 -20.84 -25.21
C ALA J 14 -13.85 -21.46 -26.60
N LEU J 15 -14.11 -20.76 -27.71
CA LEU J 15 -13.81 -21.27 -29.04
C LEU J 15 -12.30 -21.41 -29.20
N TYR J 16 -11.56 -20.46 -28.72
CA TYR J 16 -10.10 -20.57 -28.69
C TYR J 16 -9.60 -21.92 -28.16
N LEU J 17 -10.11 -22.33 -27.03
CA LEU J 17 -9.67 -23.62 -26.44
C LEU J 17 -10.36 -24.79 -27.12
N VAL J 18 -11.65 -24.70 -27.40
CA VAL J 18 -12.39 -25.79 -28.11
C VAL J 18 -11.80 -26.16 -29.48
N CYS J 19 -11.35 -25.17 -30.21
CA CYS J 19 -11.03 -25.33 -31.63
C CYS J 19 -9.55 -25.60 -31.90
N GLY J 20 -8.66 -25.22 -30.98
CA GLY J 20 -7.24 -25.55 -31.05
C GLY J 20 -6.57 -24.97 -32.28
N GLU J 21 -5.78 -25.82 -32.94
CA GLU J 21 -5.08 -25.45 -34.16
C GLU J 21 -5.98 -25.10 -35.37
N ARG J 22 -7.25 -25.48 -35.35
CA ARG J 22 -8.17 -25.15 -36.41
C ARG J 22 -8.57 -23.68 -36.41
N GLY J 23 -8.65 -23.09 -35.21
CA GLY J 23 -9.17 -21.73 -35.07
C GLY J 23 -10.65 -21.77 -35.28
N PHE J 24 -11.27 -20.60 -35.34
CA PHE J 24 -12.71 -20.50 -35.39
C PHE J 24 -13.10 -19.28 -36.15
N PHE J 25 -14.42 -19.11 -36.30
CA PHE J 25 -15.02 -17.93 -36.89
C PHE J 25 -16.09 -17.47 -35.92
N TYR J 26 -16.07 -16.16 -35.69
CA TYR J 26 -16.99 -15.44 -34.83
C TYR J 26 -17.73 -14.38 -35.64
N THR J 27 -19.06 -14.42 -35.55
CA THR J 27 -19.96 -13.43 -36.11
C THR J 27 -21.08 -13.08 -35.12
N PRO J 28 -21.21 -11.79 -34.75
CA PRO J 28 -22.23 -11.30 -33.79
C PRO J 28 -23.68 -11.39 -34.28
N ILE K 2 -1.92 -14.20 -37.89
CA ILE K 2 -1.86 -13.16 -36.82
C ILE K 2 -0.81 -13.42 -35.75
N VAL K 3 -0.44 -14.69 -35.51
CA VAL K 3 0.33 -15.07 -34.31
C VAL K 3 1.76 -14.48 -34.30
N GLU K 4 2.65 -14.95 -35.17
CA GLU K 4 4.02 -14.44 -35.20
C GLU K 4 4.06 -12.88 -35.32
N GLN K 5 3.16 -12.28 -36.12
CA GLN K 5 2.98 -10.81 -36.11
C GLN K 5 2.79 -10.20 -34.70
N CYS K 6 2.04 -10.88 -33.81
CA CYS K 6 1.54 -10.30 -32.52
C CYS K 6 2.01 -11.02 -31.24
N CYS K 7 2.22 -12.32 -31.31
CA CYS K 7 2.84 -13.04 -30.21
C CYS K 7 4.37 -12.96 -30.31
N THR K 8 4.89 -12.62 -31.50
CA THR K 8 6.35 -12.42 -31.68
C THR K 8 6.65 -11.13 -32.46
N SER K 9 5.98 -10.03 -32.13
CA SER K 9 6.30 -8.78 -32.82
C SER K 9 5.50 -7.56 -32.38
N ILE K 10 5.53 -7.26 -31.08
CA ILE K 10 4.74 -6.17 -30.44
C ILE K 10 3.74 -5.40 -31.35
N CYS K 11 2.83 -6.15 -32.01
CA CYS K 11 1.80 -5.57 -32.88
C CYS K 11 0.79 -4.73 -32.08
N SER K 12 -0.13 -4.01 -32.74
CA SER K 12 -1.01 -3.01 -32.10
C SER K 12 -2.50 -3.11 -32.51
N LEU K 13 -3.40 -2.54 -31.71
CA LEU K 13 -4.83 -2.67 -31.96
C LEU K 13 -5.24 -2.26 -33.36
N TYR K 14 -4.63 -1.15 -33.83
CA TYR K 14 -4.82 -0.61 -35.18
C TYR K 14 -4.43 -1.62 -36.25
N GLN K 15 -3.30 -2.25 -36.06
CA GLN K 15 -2.85 -3.34 -36.91
C GLN K 15 -3.86 -4.52 -36.94
N LEU K 16 -4.30 -4.99 -35.75
CA LEU K 16 -5.29 -6.10 -35.64
C LEU K 16 -6.59 -5.84 -36.37
N GLU K 17 -7.00 -4.58 -36.48
CA GLU K 17 -8.18 -4.23 -37.26
C GLU K 17 -8.14 -4.75 -38.76
N ASN K 18 -6.94 -5.00 -39.28
CA ASN K 18 -6.74 -5.75 -40.52
C ASN K 18 -7.51 -7.07 -40.53
N TYR K 19 -7.61 -7.74 -39.36
CA TYR K 19 -8.18 -9.08 -39.26
C TYR K 19 -9.66 -9.10 -39.02
N CYS K 20 -10.33 -7.94 -38.95
CA CYS K 20 -11.78 -7.94 -38.84
C CYS K 20 -12.46 -8.35 -40.15
N ASN K 21 -13.71 -8.79 -40.07
CA ASN K 21 -14.56 -8.95 -41.25
C ASN K 21 -14.90 -7.57 -41.83
N HIS L 5 4.14 -9.09 -25.87
CA HIS L 5 3.45 -9.90 -26.94
C HIS L 5 1.94 -10.15 -26.61
N LEU L 6 1.13 -10.29 -27.66
CA LEU L 6 -0.21 -10.88 -27.53
C LEU L 6 -0.12 -12.34 -27.95
N CYS L 7 -0.19 -13.22 -26.96
CA CYS L 7 -0.13 -14.66 -27.20
C CYS L 7 -1.36 -15.39 -26.65
N GLY L 8 -1.65 -16.53 -27.25
CA GLY L 8 -2.67 -17.43 -26.75
C GLY L 8 -4.01 -16.74 -26.71
N SER L 9 -4.75 -16.93 -25.62
CA SER L 9 -6.05 -16.33 -25.50
C SER L 9 -6.02 -14.79 -25.39
N HIS L 10 -4.88 -14.22 -24.99
CA HIS L 10 -4.78 -12.74 -24.98
C HIS L 10 -4.90 -12.15 -26.40
N LEU L 11 -4.45 -12.88 -27.38
CA LEU L 11 -4.52 -12.43 -28.75
C LEU L 11 -5.93 -12.46 -29.19
N VAL L 12 -6.66 -13.53 -28.83
CA VAL L 12 -8.09 -13.48 -29.15
C VAL L 12 -8.88 -12.43 -28.34
N GLU L 13 -8.46 -12.14 -27.11
CA GLU L 13 -9.09 -11.02 -26.33
C GLU L 13 -8.90 -9.70 -27.11
N ALA L 14 -7.68 -9.50 -27.63
CA ALA L 14 -7.40 -8.27 -28.42
C ALA L 14 -8.18 -8.17 -29.74
N LEU L 15 -8.24 -9.27 -30.49
CA LEU L 15 -9.13 -9.41 -31.64
C LEU L 15 -10.55 -9.12 -31.31
N TYR L 16 -11.03 -9.63 -30.19
CA TYR L 16 -12.41 -9.35 -29.85
C TYR L 16 -12.65 -7.87 -29.57
N LEU L 17 -11.65 -7.23 -28.96
CA LEU L 17 -11.79 -5.84 -28.54
C LEU L 17 -11.89 -4.98 -29.82
N VAL L 18 -11.04 -5.26 -30.80
CA VAL L 18 -11.05 -4.49 -32.06
C VAL L 18 -12.17 -4.88 -33.04
N CYS L 19 -12.37 -6.19 -33.26
CA CYS L 19 -13.31 -6.72 -34.27
C CYS L 19 -14.59 -7.34 -33.73
N GLY L 20 -14.80 -7.33 -32.41
CA GLY L 20 -15.95 -8.02 -31.83
C GLY L 20 -17.31 -7.60 -32.33
N GLU L 21 -17.45 -6.37 -32.79
CA GLU L 21 -18.75 -5.96 -33.33
C GLU L 21 -18.88 -6.33 -34.81
N ARG L 22 -17.75 -6.46 -35.54
CA ARG L 22 -17.73 -6.74 -36.97
C ARG L 22 -17.61 -8.23 -37.30
N GLY L 23 -16.97 -8.99 -36.41
CA GLY L 23 -16.75 -10.39 -36.62
C GLY L 23 -15.33 -10.56 -37.00
N PHE L 24 -14.86 -11.81 -36.91
CA PHE L 24 -13.53 -12.13 -37.33
C PHE L 24 -13.29 -13.62 -37.46
N PHE L 25 -12.21 -13.95 -38.16
CA PHE L 25 -11.68 -15.30 -38.26
C PHE L 25 -10.41 -15.32 -37.44
N TYR L 26 -10.24 -16.32 -36.58
CA TYR L 26 -8.96 -16.60 -35.95
C TYR L 26 -8.48 -17.88 -36.58
N THR L 27 -7.33 -17.78 -37.22
CA THR L 27 -6.80 -18.84 -38.07
C THR L 27 -5.30 -18.86 -37.74
N PRO L 28 -4.95 -19.45 -36.61
CA PRO L 28 -3.58 -19.31 -36.17
C PRO L 28 -2.53 -19.88 -37.16
N LYS L 29 -2.93 -20.84 -38.02
CA LYS L 29 -2.09 -21.48 -39.06
C LYS L 29 -1.19 -22.58 -38.49
N GLY M 1 -0.40 -34.37 -10.55
CA GLY M 1 -1.38 -33.27 -10.40
C GLY M 1 -1.79 -32.65 -11.73
N ILE M 2 -2.71 -31.69 -11.64
CA ILE M 2 -3.21 -30.97 -12.82
C ILE M 2 -2.17 -30.07 -13.46
N VAL M 3 -1.34 -29.44 -12.64
CA VAL M 3 -0.27 -28.54 -13.09
C VAL M 3 0.79 -29.33 -13.96
N GLU M 4 1.34 -30.40 -13.37
CA GLU M 4 2.18 -31.36 -14.12
C GLU M 4 1.54 -31.74 -15.45
N GLN M 5 0.33 -32.28 -15.40
CA GLN M 5 -0.30 -32.77 -16.63
C GLN M 5 -0.60 -31.65 -17.67
N CYS M 6 -0.92 -30.44 -17.21
CA CYS M 6 -1.43 -29.39 -18.11
C CYS M 6 -0.62 -28.09 -18.26
N CYS M 7 0.18 -27.76 -17.25
CA CYS M 7 1.02 -26.58 -17.35
C CYS M 7 2.44 -26.95 -17.71
N THR M 8 3.05 -27.90 -17.00
CA THR M 8 4.43 -28.31 -17.35
C THR M 8 4.43 -29.28 -18.53
N SER M 9 3.56 -30.31 -18.51
CA SER M 9 3.26 -31.09 -19.74
C SER M 9 2.12 -30.42 -20.51
N ILE M 10 1.73 -31.02 -21.61
CA ILE M 10 0.57 -30.54 -22.39
C ILE M 10 -0.65 -31.45 -22.07
N CYS M 11 -1.88 -30.91 -22.16
CA CYS M 11 -3.06 -31.76 -21.95
C CYS M 11 -4.18 -31.39 -22.89
N SER M 12 -5.34 -32.02 -22.74
CA SER M 12 -6.41 -31.79 -23.67
C SER M 12 -7.63 -31.53 -22.84
N LEU M 13 -8.62 -30.94 -23.46
CA LEU M 13 -9.90 -30.78 -22.78
C LEU M 13 -10.56 -32.12 -22.43
N TYR M 14 -10.28 -33.15 -23.23
CA TYR M 14 -10.84 -34.48 -22.95
C TYR M 14 -10.26 -34.97 -21.63
N GLN M 15 -8.97 -34.73 -21.43
CA GLN M 15 -8.27 -35.10 -20.22
C GLN M 15 -8.70 -34.34 -19.01
N LEU M 16 -9.09 -33.07 -19.18
CA LEU M 16 -9.60 -32.27 -18.06
C LEU M 16 -10.92 -32.79 -17.50
N GLU M 17 -11.71 -33.51 -18.29
CA GLU M 17 -12.87 -34.17 -17.74
C GLU M 17 -12.54 -35.03 -16.50
N ASN M 18 -11.32 -35.56 -16.42
CA ASN M 18 -10.85 -36.32 -15.26
C ASN M 18 -11.02 -35.58 -13.97
N TYR M 19 -10.94 -34.24 -14.01
CA TYR M 19 -11.01 -33.43 -12.80
C TYR M 19 -12.39 -32.86 -12.51
N CYS M 20 -13.41 -33.18 -13.29
CA CYS M 20 -14.74 -32.71 -12.95
C CYS M 20 -15.27 -33.49 -11.67
N ASN M 21 -16.34 -32.98 -11.04
CA ASN M 21 -17.08 -33.71 -9.99
C ASN M 21 -18.12 -34.59 -10.68
N HIS N 5 -0.12 -25.57 -23.54
CA HIS N 5 0.41 -25.08 -22.19
C HIS N 5 -0.62 -24.20 -21.44
N LEU N 6 -1.29 -24.76 -20.44
CA LEU N 6 -2.37 -24.08 -19.70
C LEU N 6 -1.89 -23.83 -18.32
N CYS N 7 -1.43 -22.60 -18.03
CA CYS N 7 -0.84 -22.22 -16.74
C CYS N 7 -1.58 -21.09 -16.01
N GLY N 8 -1.50 -21.06 -14.68
CA GLY N 8 -2.17 -20.03 -13.83
C GLY N 8 -3.68 -19.92 -14.01
N SER N 9 -4.24 -18.73 -14.22
CA SER N 9 -5.66 -18.61 -14.37
C SER N 9 -6.17 -19.26 -15.66
N HIS N 10 -5.29 -19.43 -16.66
CA HIS N 10 -5.68 -20.14 -17.93
C HIS N 10 -6.07 -21.60 -17.72
N LEU N 11 -5.48 -22.23 -16.74
CA LEU N 11 -5.87 -23.61 -16.41
C LEU N 11 -7.23 -23.68 -15.75
N VAL N 12 -7.49 -22.70 -14.86
CA VAL N 12 -8.82 -22.57 -14.25
C VAL N 12 -9.83 -22.28 -15.31
N GLU N 13 -9.53 -21.41 -16.28
CA GLU N 13 -10.44 -21.17 -17.38
C GLU N 13 -10.79 -22.47 -18.15
N ALA N 14 -9.78 -23.30 -18.45
CA ALA N 14 -10.06 -24.51 -19.16
C ALA N 14 -10.93 -25.49 -18.32
N LEU N 15 -10.62 -25.59 -17.04
CA LEU N 15 -11.46 -26.37 -16.14
C LEU N 15 -12.88 -25.93 -16.13
N TYR N 16 -13.10 -24.61 -16.10
CA TYR N 16 -14.43 -24.12 -16.07
C TYR N 16 -15.12 -24.46 -17.38
N LEU N 17 -14.42 -24.36 -18.52
CA LEU N 17 -15.02 -24.69 -19.85
C LEU N 17 -15.53 -26.15 -19.89
N VAL N 18 -14.68 -27.05 -19.50
CA VAL N 18 -15.04 -28.49 -19.46
C VAL N 18 -15.96 -28.94 -18.28
N CYS N 19 -15.75 -28.42 -17.07
CA CYS N 19 -16.42 -28.87 -15.83
C CYS N 19 -17.35 -27.82 -15.17
N GLY N 20 -17.52 -26.65 -15.77
CA GLY N 20 -18.24 -25.58 -15.06
C GLY N 20 -19.69 -25.83 -14.76
N GLU N 21 -20.31 -26.78 -15.47
CA GLU N 21 -21.71 -27.14 -15.24
C GLU N 21 -21.80 -28.31 -14.25
N ARG N 22 -20.72 -29.04 -14.01
CA ARG N 22 -20.67 -30.13 -13.03
C ARG N 22 -20.03 -29.75 -11.72
N GLY N 23 -19.06 -28.84 -11.76
CA GLY N 23 -18.18 -28.60 -10.64
C GLY N 23 -16.83 -29.27 -10.67
N PHE N 24 -15.92 -28.69 -9.93
CA PHE N 24 -14.56 -29.21 -9.82
C PHE N 24 -13.84 -28.68 -8.59
N PHE N 25 -12.80 -29.42 -8.19
CA PHE N 25 -11.78 -28.99 -7.28
C PHE N 25 -10.60 -28.57 -8.11
N TYR N 26 -9.97 -27.50 -7.64
CA TYR N 26 -8.68 -27.04 -8.11
C TYR N 26 -7.79 -27.11 -6.91
N THR N 27 -6.79 -28.01 -6.99
CA THR N 27 -5.81 -28.33 -5.95
C THR N 27 -4.46 -28.31 -6.63
N PRO N 28 -3.76 -27.17 -6.58
CA PRO N 28 -2.50 -27.07 -7.25
C PRO N 28 -1.37 -27.87 -6.61
N LYS N 29 -1.26 -27.93 -5.27
CA LYS N 29 -0.11 -28.64 -4.64
C LYS N 29 -0.53 -30.02 -4.18
N GLY O 1 -24.83 -22.35 -2.09
CA GLY O 1 -23.74 -22.43 -3.08
C GLY O 1 -23.24 -21.07 -3.51
N ILE O 2 -22.04 -21.09 -4.10
CA ILE O 2 -21.33 -19.84 -4.47
C ILE O 2 -22.14 -19.03 -5.48
N VAL O 3 -22.86 -19.68 -6.37
CA VAL O 3 -23.57 -18.99 -7.43
C VAL O 3 -24.78 -18.29 -6.81
N GLU O 4 -25.50 -18.99 -5.92
CA GLU O 4 -26.65 -18.44 -5.19
C GLU O 4 -26.27 -17.23 -4.35
N GLN O 5 -25.12 -17.30 -3.71
CA GLN O 5 -24.61 -16.26 -2.83
C GLN O 5 -24.00 -15.10 -3.61
N CYS O 6 -23.23 -15.39 -4.68
CA CYS O 6 -22.34 -14.36 -5.30
C CYS O 6 -22.68 -13.95 -6.72
N CYS O 7 -23.67 -14.58 -7.32
CA CYS O 7 -24.21 -14.10 -8.58
C CYS O 7 -25.47 -13.27 -8.34
N THR O 8 -25.90 -13.17 -7.09
CA THR O 8 -27.10 -12.40 -6.77
C THR O 8 -26.82 -11.12 -6.04
N SER O 9 -25.67 -11.05 -5.34
CA SER O 9 -25.14 -9.78 -4.86
C SER O 9 -23.61 -9.88 -4.90
N ILE O 10 -22.97 -8.72 -4.81
CA ILE O 10 -21.53 -8.63 -4.91
C ILE O 10 -20.90 -9.15 -3.63
N CYS O 11 -20.20 -10.28 -3.74
CA CYS O 11 -19.50 -10.87 -2.56
C CYS O 11 -18.27 -10.16 -2.18
N SER O 12 -18.00 -10.07 -0.88
CA SER O 12 -16.74 -9.53 -0.39
C SER O 12 -15.66 -10.55 -0.55
N LEU O 13 -14.40 -10.11 -0.43
CA LEU O 13 -13.30 -11.06 -0.53
C LEU O 13 -13.43 -12.13 0.58
N TYR O 14 -13.91 -11.69 1.76
CA TYR O 14 -14.20 -12.61 2.90
C TYR O 14 -15.18 -13.68 2.49
N GLN O 15 -16.27 -13.28 1.84
CA GLN O 15 -17.22 -14.24 1.37
C GLN O 15 -16.66 -15.22 0.29
N LEU O 16 -15.82 -14.75 -0.63
CA LEU O 16 -15.22 -15.64 -1.62
C LEU O 16 -14.26 -16.62 -0.93
N GLU O 17 -13.55 -16.12 0.07
CA GLU O 17 -12.60 -16.98 0.80
C GLU O 17 -13.23 -18.23 1.52
N ASN O 18 -14.53 -18.22 1.75
CA ASN O 18 -15.24 -19.39 2.29
C ASN O 18 -15.23 -20.58 1.32
N TYR O 19 -14.87 -20.35 0.05
CA TYR O 19 -14.74 -21.46 -0.90
C TYR O 19 -13.36 -21.89 -1.22
N CYS O 20 -12.38 -21.40 -0.47
CA CYS O 20 -11.00 -21.91 -0.63
C CYS O 20 -10.94 -23.27 0.08
N ASN O 21 -10.08 -24.18 -0.35
CA ASN O 21 -9.90 -25.47 0.36
C ASN O 21 -9.16 -25.22 1.67
N PHE P 1 -29.24 -21.34 -17.74
CA PHE P 1 -29.27 -19.85 -17.57
C PHE P 1 -27.86 -19.31 -17.82
N VAL P 2 -27.72 -18.59 -18.94
CA VAL P 2 -26.42 -18.20 -19.46
C VAL P 2 -25.74 -17.15 -18.58
N ASN P 3 -26.44 -16.13 -18.15
CA ASN P 3 -25.82 -15.11 -17.33
C ASN P 3 -25.35 -15.68 -15.98
N GLN P 4 -25.94 -16.78 -15.49
CA GLN P 4 -25.37 -17.44 -14.27
C GLN P 4 -24.09 -18.19 -14.60
N HIS P 5 -24.07 -18.79 -15.79
CA HIS P 5 -22.90 -19.48 -16.29
C HIS P 5 -21.72 -18.48 -16.56
N LEU P 6 -22.01 -17.28 -17.05
CA LEU P 6 -21.00 -16.23 -17.26
C LEU P 6 -20.43 -15.74 -15.90
N CYS P 7 -21.29 -15.53 -14.96
CA CYS P 7 -20.91 -15.14 -13.62
C CYS P 7 -19.97 -16.20 -13.00
N GLY P 8 -20.23 -17.49 -13.19
CA GLY P 8 -19.38 -18.50 -12.59
C GLY P 8 -17.96 -18.48 -13.18
N SER P 9 -17.81 -18.14 -14.48
CA SER P 9 -16.53 -17.94 -15.07
C SER P 9 -15.75 -16.83 -14.30
N HIS P 10 -16.42 -15.73 -13.94
CA HIS P 10 -15.72 -14.67 -13.17
C HIS P 10 -15.47 -15.13 -11.75
N LEU P 11 -16.40 -15.87 -11.18
CA LEU P 11 -16.17 -16.37 -9.78
C LEU P 11 -14.97 -17.29 -9.67
N VAL P 12 -14.76 -18.19 -10.65
CA VAL P 12 -13.62 -19.08 -10.46
C VAL P 12 -12.30 -18.38 -10.74
N GLU P 13 -12.29 -17.32 -11.58
CA GLU P 13 -11.05 -16.54 -11.77
C GLU P 13 -10.71 -15.84 -10.44
N ALA P 14 -11.74 -15.38 -9.73
CA ALA P 14 -11.53 -14.68 -8.50
C ALA P 14 -11.01 -15.66 -7.41
N LEU P 15 -11.62 -16.84 -7.32
CA LEU P 15 -11.18 -17.84 -6.34
C LEU P 15 -9.75 -18.21 -6.58
N TYR P 16 -9.37 -18.34 -7.88
CA TYR P 16 -7.97 -18.64 -8.22
C TYR P 16 -6.99 -17.64 -7.52
N LEU P 17 -7.30 -16.35 -7.59
CA LEU P 17 -6.46 -15.33 -6.99
C LEU P 17 -6.62 -15.27 -5.45
N VAL P 18 -7.84 -15.31 -4.96
CA VAL P 18 -8.12 -15.21 -3.50
C VAL P 18 -7.44 -16.37 -2.75
N CYS P 19 -7.54 -17.55 -3.32
CA CYS P 19 -7.21 -18.78 -2.57
C CYS P 19 -5.74 -19.23 -2.72
N GLY P 20 -5.01 -18.78 -3.74
CA GLY P 20 -3.57 -19.06 -3.87
C GLY P 20 -3.24 -20.55 -3.87
N GLU P 21 -2.30 -20.97 -3.00
CA GLU P 21 -1.85 -22.38 -2.90
C GLU P 21 -2.87 -23.37 -2.32
N ARG P 22 -3.83 -22.86 -1.59
CA ARG P 22 -4.88 -23.67 -1.06
CA ARG P 22 -4.93 -23.66 -1.04
C ARG P 22 -5.82 -24.26 -2.13
N GLY P 23 -5.99 -23.55 -3.25
CA GLY P 23 -6.93 -23.92 -4.27
C GLY P 23 -8.30 -23.76 -3.74
N PHE P 24 -9.28 -24.25 -4.50
CA PHE P 24 -10.67 -24.03 -4.15
C PHE P 24 -11.53 -25.11 -4.66
N PHE P 25 -12.82 -25.00 -4.35
CA PHE P 25 -13.80 -25.89 -4.84
C PHE P 25 -14.93 -25.06 -5.45
N TYR P 26 -15.33 -25.45 -6.63
CA TYR P 26 -16.38 -24.80 -7.33
C TYR P 26 -17.52 -25.75 -7.54
N THR P 27 -18.70 -25.36 -7.08
CA THR P 27 -19.85 -26.19 -7.18
C THR P 27 -21.01 -25.27 -7.51
N PRO P 28 -21.53 -25.33 -8.75
CA PRO P 28 -22.82 -24.71 -8.97
C PRO P 28 -23.88 -25.69 -8.43
N GLY Q 1 -7.48 -1.43 5.27
CA GLY Q 1 -7.07 -2.82 4.89
C GLY Q 1 -6.53 -3.51 6.14
N ILE Q 2 -5.28 -3.21 6.48
CA ILE Q 2 -4.69 -3.76 7.70
C ILE Q 2 -5.34 -3.13 8.95
N VAL Q 3 -5.47 -1.81 9.00
CA VAL Q 3 -6.11 -1.16 10.16
C VAL Q 3 -7.56 -1.68 10.29
N GLU Q 4 -8.23 -1.85 9.15
CA GLU Q 4 -9.49 -2.57 9.11
C GLU Q 4 -9.43 -3.98 9.70
N GLN Q 5 -8.56 -4.85 9.21
CA GLN Q 5 -8.58 -6.27 9.66
C GLN Q 5 -7.98 -6.49 11.08
N CYS Q 6 -7.05 -5.62 11.50
CA CYS Q 6 -6.22 -5.84 12.72
C CYS Q 6 -6.46 -4.89 13.90
N CYS Q 7 -6.92 -3.67 13.65
CA CYS Q 7 -7.16 -2.71 14.71
C CYS Q 7 -8.66 -2.53 15.05
N THR Q 8 -9.56 -2.57 14.03
CA THR Q 8 -11.02 -2.44 14.29
C THR Q 8 -11.60 -3.83 14.47
N SER Q 9 -11.28 -4.74 13.55
CA SER Q 9 -11.49 -6.17 13.78
C SER Q 9 -10.18 -6.74 14.30
N ILE Q 10 -10.25 -7.95 14.85
CA ILE Q 10 -9.08 -8.63 15.43
C ILE Q 10 -8.52 -9.63 14.42
N CYS Q 11 -7.20 -9.66 14.32
CA CYS Q 11 -6.49 -10.58 13.42
C CYS Q 11 -5.53 -11.39 14.27
N SER Q 12 -5.12 -12.54 13.74
CA SER Q 12 -4.00 -13.27 14.31
C SER Q 12 -2.67 -12.74 13.74
N LEU Q 13 -1.57 -13.16 14.33
CA LEU Q 13 -0.25 -12.92 13.74
C LEU Q 13 -0.07 -13.69 12.39
N TYR Q 14 -0.78 -14.83 12.25
CA TYR Q 14 -0.70 -15.60 11.03
C TYR Q 14 -1.37 -14.79 9.91
N GLN Q 15 -2.50 -14.12 10.22
CA GLN Q 15 -3.16 -13.15 9.29
C GLN Q 15 -2.19 -12.04 8.89
N LEU Q 16 -1.46 -11.54 9.89
CA LEU Q 16 -0.51 -10.45 9.69
C LEU Q 16 0.56 -10.81 8.72
N GLU Q 17 0.85 -12.11 8.55
CA GLU Q 17 1.90 -12.52 7.58
C GLU Q 17 1.56 -12.22 6.09
N ASN Q 18 0.29 -11.96 5.81
CA ASN Q 18 -0.15 -11.55 4.46
C ASN Q 18 0.48 -10.20 4.05
N TYR Q 19 1.08 -9.46 4.99
CA TYR Q 19 1.82 -8.22 4.65
C TYR Q 19 3.33 -8.34 4.49
N CYS Q 20 3.90 -9.52 4.61
CA CYS Q 20 5.36 -9.63 4.44
C CYS Q 20 5.70 -9.75 2.94
N HIS R 5 -7.51 -5.05 18.94
CA HIS R 5 -6.29 -5.61 19.64
C HIS R 5 -5.02 -4.84 19.22
N LEU R 6 -4.75 -4.71 17.92
CA LEU R 6 -3.48 -4.08 17.44
C LEU R 6 -3.63 -2.75 16.69
N CYS R 7 -3.36 -1.63 17.34
CA CYS R 7 -3.54 -0.30 16.74
C CYS R 7 -2.29 0.53 16.86
N GLY R 8 -2.13 1.51 15.98
CA GLY R 8 -1.08 2.53 16.10
C GLY R 8 0.29 1.90 16.02
N SER R 9 1.26 2.33 16.83
CA SER R 9 2.62 1.72 16.79
C SER R 9 2.60 0.28 17.24
N HIS R 10 1.51 -0.19 17.88
CA HIS R 10 1.48 -1.61 18.20
C HIS R 10 1.25 -2.47 17.03
N LEU R 11 0.55 -1.99 16.00
CA LEU R 11 0.31 -2.73 14.79
C LEU R 11 1.62 -2.79 14.03
N VAL R 12 2.38 -1.70 14.09
CA VAL R 12 3.67 -1.69 13.48
C VAL R 12 4.64 -2.66 14.18
N GLU R 13 4.70 -2.64 15.50
CA GLU R 13 5.56 -3.60 16.25
C GLU R 13 5.18 -5.06 15.89
N ALA R 14 3.89 -5.37 15.76
CA ALA R 14 3.44 -6.73 15.37
C ALA R 14 3.86 -7.05 13.94
N LEU R 15 3.81 -6.06 13.04
CA LEU R 15 4.24 -6.27 11.65
C LEU R 15 5.73 -6.53 11.63
N TYR R 16 6.46 -5.77 12.41
CA TYR R 16 7.90 -6.07 12.55
C TYR R 16 8.19 -7.46 13.07
N LEU R 17 7.51 -7.88 14.12
CA LEU R 17 7.68 -9.21 14.69
C LEU R 17 7.48 -10.32 13.60
N VAL R 18 6.38 -10.28 12.84
CA VAL R 18 6.06 -11.35 11.83
C VAL R 18 6.87 -11.15 10.54
N CYS R 19 7.09 -9.90 10.09
CA CYS R 19 7.69 -9.63 8.76
C CYS R 19 9.04 -8.90 8.75
N GLY R 20 9.65 -8.65 9.90
CA GLY R 20 10.77 -7.72 9.97
C GLY R 20 12.04 -8.13 9.24
N GLU R 21 12.21 -9.44 8.98
CA GLU R 21 13.39 -9.92 8.23
C GLU R 21 13.12 -9.78 6.72
N ARG R 22 11.92 -10.15 6.29
CA ARG R 22 11.49 -10.02 4.90
C ARG R 22 11.12 -8.60 4.56
N GLY R 23 10.58 -7.86 5.51
CA GLY R 23 10.08 -6.52 5.24
C GLY R 23 8.59 -6.55 5.02
N PHE R 24 8.00 -5.36 5.03
CA PHE R 24 6.58 -5.22 4.96
C PHE R 24 6.27 -3.81 4.51
N PHE R 25 4.98 -3.59 4.29
CA PHE R 25 4.46 -2.32 3.80
C PHE R 25 3.42 -1.94 4.82
N TYR R 26 3.47 -0.69 5.29
CA TYR R 26 2.46 -0.22 6.24
C TYR R 26 1.76 1.00 5.61
N THR R 27 0.46 0.83 5.38
CA THR R 27 -0.35 1.85 4.70
C THR R 27 -1.65 1.98 5.46
N PRO R 28 -1.69 2.94 6.42
CA PRO R 28 -2.81 3.09 7.36
C PRO R 28 -4.14 3.47 6.71
N GLY S 1 19.60 1.40 1.55
CA GLY S 1 19.15 0.64 2.76
C GLY S 1 19.03 1.56 3.97
N ILE S 2 17.83 1.67 4.52
CA ILE S 2 17.65 2.37 5.82
C ILE S 2 18.54 1.74 6.93
N VAL S 3 18.62 0.40 6.96
CA VAL S 3 19.34 -0.32 8.00
C VAL S 3 20.84 0.03 7.89
N GLU S 4 21.38 0.12 6.68
CA GLU S 4 22.82 0.42 6.49
C GLU S 4 23.13 1.85 6.91
N GLN S 5 22.36 2.80 6.38
CA GLN S 5 22.50 4.23 6.74
C GLN S 5 22.26 4.53 8.24
N CYS S 6 21.16 4.00 8.76
CA CYS S 6 20.57 4.53 10.01
C CYS S 6 20.81 3.63 11.25
N CYS S 7 21.39 2.46 11.04
CA CYS S 7 21.86 1.67 12.19
C CYS S 7 23.34 1.93 12.49
N THR S 8 24.10 2.43 11.53
CA THR S 8 25.56 2.70 11.71
C THR S 8 25.86 4.14 12.16
N SER S 9 25.06 5.08 11.66
CA SER S 9 25.04 6.47 12.17
C SER S 9 23.62 6.85 12.57
N ILE S 10 23.50 8.02 13.19
CA ILE S 10 22.21 8.56 13.58
C ILE S 10 21.57 9.34 12.44
N CYS S 11 20.51 8.81 11.83
CA CYS S 11 19.76 9.55 10.83
C CYS S 11 18.95 10.70 11.42
N SER S 12 18.94 11.85 10.73
CA SER S 12 18.05 12.95 11.11
C SER S 12 16.70 12.60 10.59
N LEU S 13 15.72 13.40 10.95
CA LEU S 13 14.37 13.21 10.50
C LEU S 13 14.20 13.32 8.97
N TYR S 14 15.01 14.22 8.39
CA TYR S 14 15.05 14.41 6.93
C TYR S 14 15.53 13.13 6.26
N GLN S 15 16.60 12.55 6.80
CA GLN S 15 17.10 11.26 6.34
C GLN S 15 16.02 10.14 6.42
N LEU S 16 15.33 10.01 7.57
CA LEU S 16 14.23 9.06 7.75
C LEU S 16 13.05 9.32 6.82
N GLU S 17 12.76 10.60 6.59
CA GLU S 17 11.65 10.95 5.68
C GLU S 17 11.77 10.35 4.25
N ASN S 18 12.98 10.05 3.81
CA ASN S 18 13.23 9.45 2.48
C ASN S 18 12.61 8.10 2.26
N TYR S 19 12.19 7.44 3.35
CA TYR S 19 11.64 6.08 3.31
C TYR S 19 10.15 6.01 3.43
N CYS S 20 9.50 7.16 3.62
CA CYS S 20 8.06 7.24 3.61
C CYS S 20 7.57 7.03 2.18
N ASN S 21 6.35 6.53 2.06
CA ASN S 21 5.71 6.39 0.76
C ASN S 21 5.60 7.74 0.04
N PHE T 1 23.75 -9.91 12.98
CA PHE T 1 22.41 -9.62 12.46
C PHE T 1 21.44 -9.24 13.61
N VAL T 2 21.68 -9.68 14.87
CA VAL T 2 20.84 -9.24 16.03
C VAL T 2 20.82 -7.72 16.34
N ASN T 3 21.97 -7.06 16.43
CA ASN T 3 22.04 -5.62 16.71
C ASN T 3 21.31 -4.82 15.62
N GLN T 4 21.51 -5.17 14.34
CA GLN T 4 20.74 -4.55 13.26
C GLN T 4 19.25 -4.89 13.30
N HIS T 5 18.93 -6.10 13.74
CA HIS T 5 17.56 -6.50 13.93
C HIS T 5 16.83 -5.63 14.98
N LEU T 6 17.54 -5.37 16.07
CA LEU T 6 17.05 -4.56 17.19
C LEU T 6 16.89 -3.13 16.70
N CYS T 7 17.87 -2.66 15.93
CA CYS T 7 17.80 -1.33 15.36
C CYS T 7 16.62 -1.18 14.39
N GLY T 8 16.38 -2.19 13.56
CA GLY T 8 15.20 -2.18 12.67
C GLY T 8 13.88 -1.98 13.44
N SER T 9 13.76 -2.59 14.61
CA SER T 9 12.64 -2.34 15.45
C SER T 9 12.44 -0.85 15.85
N HIS T 10 13.51 -0.19 16.20
CA HIS T 10 13.47 1.27 16.43
C HIS T 10 13.22 2.05 15.14
N LEU T 11 13.68 1.54 14.01
CA LEU T 11 13.55 2.28 12.80
C LEU T 11 12.10 2.30 12.38
N VAL T 12 11.39 1.15 12.34
CA VAL T 12 9.96 1.18 11.95
C VAL T 12 9.04 1.98 12.89
N GLU T 13 9.37 2.02 14.17
CA GLU T 13 8.68 2.94 15.04
C GLU T 13 8.92 4.44 14.67
N ALA T 14 10.15 4.82 14.35
CA ALA T 14 10.48 6.17 13.82
C ALA T 14 9.73 6.50 12.52
N LEU T 15 9.68 5.55 11.58
CA LEU T 15 8.92 5.80 10.34
C LEU T 15 7.45 5.91 10.56
N TYR T 16 6.91 5.13 11.50
CA TYR T 16 5.50 5.19 11.85
C TYR T 16 5.10 6.62 12.15
N LEU T 17 5.90 7.28 12.98
CA LEU T 17 5.65 8.64 13.39
C LEU T 17 5.99 9.64 12.25
N VAL T 18 7.20 9.61 11.72
CA VAL T 18 7.63 10.51 10.64
C VAL T 18 6.73 10.50 9.37
N CYS T 19 6.30 9.33 8.96
CA CYS T 19 5.52 9.20 7.77
C CYS T 19 4.04 9.55 7.93
N GLY T 20 3.47 9.36 9.14
CA GLY T 20 2.05 9.62 9.39
C GLY T 20 1.13 8.96 8.39
N GLU T 21 0.29 9.76 7.74
CA GLU T 21 -0.69 9.29 6.78
C GLU T 21 -0.05 8.56 5.59
N ARG T 22 1.10 9.05 5.13
CA ARG T 22 1.80 8.48 3.98
C ARG T 22 2.21 7.03 4.16
N GLY T 23 2.54 6.61 5.38
CA GLY T 23 2.97 5.23 5.61
C GLY T 23 4.35 4.98 5.05
N PHE T 24 4.74 3.69 4.93
CA PHE T 24 6.08 3.38 4.51
C PHE T 24 6.28 1.96 4.09
N PHE T 25 7.38 1.71 3.40
CA PHE T 25 7.83 0.34 3.06
C PHE T 25 9.10 0.18 3.83
N TYR T 26 9.24 -0.97 4.44
CA TYR T 26 10.42 -1.25 5.20
C TYR T 26 11.01 -2.43 4.47
N THR T 27 12.16 -2.20 3.86
CA THR T 27 12.89 -3.22 3.11
C THR T 27 14.30 -3.23 3.72
N PRO T 28 14.59 -4.22 4.59
CA PRO T 28 15.81 -4.23 5.39
C PRO T 28 17.12 -4.61 4.64
N LYS T 29 17.02 -5.38 3.55
CA LYS T 29 18.18 -5.62 2.64
C LYS T 29 17.85 -5.12 1.22
N GLY U 1 -0.36 20.88 29.26
CA GLY U 1 0.85 21.35 28.50
C GLY U 1 0.97 20.50 27.26
N ILE U 2 2.11 19.85 27.08
CA ILE U 2 2.27 18.75 26.08
C ILE U 2 1.13 17.69 26.16
N VAL U 3 0.59 17.41 27.35
CA VAL U 3 -0.52 16.46 27.49
C VAL U 3 -1.88 17.02 26.99
N GLU U 4 -2.09 18.32 27.13
CA GLU U 4 -3.23 18.96 26.47
C GLU U 4 -3.02 19.00 24.95
N GLN U 5 -1.85 19.48 24.51
CA GLN U 5 -1.58 19.64 23.08
C GLN U 5 -1.60 18.29 22.32
N CYS U 6 -0.87 17.30 22.83
CA CYS U 6 -0.61 16.12 22.04
C CYS U 6 -1.41 14.89 22.41
N CYS U 7 -2.13 14.91 23.53
CA CYS U 7 -2.88 13.73 24.03
C CYS U 7 -4.42 13.91 24.05
N THR U 8 -4.95 14.93 24.73
CA THR U 8 -6.40 15.24 24.62
C THR U 8 -6.71 15.85 23.24
N SER U 9 -5.91 16.81 22.79
CA SER U 9 -5.99 17.31 21.39
C SER U 9 -4.93 16.61 20.60
N ILE U 10 -4.89 16.91 19.29
CA ILE U 10 -3.92 16.36 18.35
C ILE U 10 -2.71 17.27 18.18
N CYS U 11 -1.57 16.61 18.00
CA CYS U 11 -0.26 17.20 17.96
C CYS U 11 0.25 17.15 16.53
N SER U 12 1.48 17.62 16.34
CA SER U 12 2.27 17.30 15.17
C SER U 12 3.73 17.33 15.64
N LEU U 13 4.62 16.65 14.93
CA LEU U 13 6.03 16.55 15.36
C LEU U 13 6.75 17.91 15.36
N TYR U 14 6.28 18.79 14.48
CA TYR U 14 6.72 20.18 14.44
C TYR U 14 6.39 20.90 15.74
N GLN U 15 5.16 20.79 16.22
CA GLN U 15 4.80 21.31 17.55
C GLN U 15 5.69 20.73 18.67
N LEU U 16 5.95 19.42 18.63
CA LEU U 16 6.69 18.76 19.72
C LEU U 16 8.08 19.28 19.76
N GLU U 17 8.61 19.75 18.62
CA GLU U 17 9.95 20.43 18.62
C GLU U 17 10.11 21.57 19.64
N ASN U 18 8.99 22.21 19.99
CA ASN U 18 8.95 23.28 21.02
C ASN U 18 9.33 22.81 22.41
N TYR U 19 9.38 21.50 22.63
CA TYR U 19 9.83 20.95 23.89
C TYR U 19 11.29 20.53 23.88
N CYS U 20 12.02 20.73 22.79
CA CYS U 20 13.39 20.22 22.73
C CYS U 20 14.41 21.02 23.59
N HIS V 5 -4.35 11.37 20.08
CA HIS V 5 -3.35 10.61 19.27
C HIS V 5 -2.12 10.11 20.09
N LEU V 6 -1.33 10.99 20.71
CA LEU V 6 -0.08 10.61 21.39
C LEU V 6 -0.11 10.67 22.92
N CYS V 7 -0.44 9.56 23.60
CA CYS V 7 -0.52 9.55 25.07
C CYS V 7 0.50 8.63 25.79
N GLY V 8 0.89 9.00 27.01
CA GLY V 8 1.82 8.18 27.83
C GLY V 8 3.20 7.91 27.24
N SER V 9 3.68 6.66 27.23
CA SER V 9 5.06 6.40 26.73
C SER V 9 5.25 6.65 25.21
N HIS V 10 4.16 6.55 24.46
CA HIS V 10 4.16 6.87 23.03
C HIS V 10 4.54 8.39 22.89
N LEU V 11 4.02 9.26 23.77
CA LEU V 11 4.39 10.69 23.80
C LEU V 11 5.88 10.93 24.13
N VAL V 12 6.40 10.15 25.08
CA VAL V 12 7.81 10.23 25.39
C VAL V 12 8.62 9.78 24.20
N GLU V 13 8.13 8.76 23.52
CA GLU V 13 8.93 8.21 22.45
C GLU V 13 8.95 9.17 21.23
N ALA V 14 7.84 9.85 20.98
CA ALA V 14 7.82 10.92 20.02
C ALA V 14 8.76 12.08 20.37
N LEU V 15 8.76 12.50 21.64
CA LEU V 15 9.78 13.49 22.08
C LEU V 15 11.20 13.02 21.82
N TYR V 16 11.52 11.76 22.16
CA TYR V 16 12.87 11.26 21.88
C TYR V 16 13.19 11.36 20.40
N LEU V 17 12.23 11.02 19.57
CA LEU V 17 12.43 11.00 18.14
C LEU V 17 12.82 12.41 17.57
N VAL V 18 12.11 13.43 18.01
CA VAL V 18 12.31 14.80 17.56
C VAL V 18 13.45 15.44 18.29
N CYS V 19 13.45 15.33 19.63
CA CYS V 19 14.42 16.01 20.56
C CYS V 19 15.48 15.18 21.33
N GLY V 20 15.55 13.86 21.16
CA GLY V 20 16.50 13.03 21.93
C GLY V 20 17.99 13.29 21.71
N GLU V 21 18.36 13.99 20.63
CA GLU V 21 19.75 14.48 20.45
C GLU V 21 19.92 15.73 21.33
N ARG V 22 19.06 16.72 21.17
CA ARG V 22 19.11 17.94 22.02
C ARG V 22 18.61 17.74 23.43
N GLY V 23 17.85 16.70 23.67
CA GLY V 23 17.15 16.58 24.94
C GLY V 23 15.84 17.33 24.93
N PHE V 24 15.04 17.10 25.99
CA PHE V 24 13.69 17.61 26.13
C PHE V 24 13.32 17.54 27.56
N PHE V 25 12.16 18.10 27.90
CA PHE V 25 11.59 18.03 29.25
C PHE V 25 10.27 17.35 29.02
N TYR V 26 9.89 16.43 29.91
CA TYR V 26 8.56 15.83 29.94
C TYR V 26 7.96 16.14 31.32
N THR V 27 6.87 16.92 31.33
CA THR V 27 6.11 17.23 32.56
C THR V 27 4.65 16.91 32.41
N PRO V 28 4.22 15.71 32.81
CA PRO V 28 2.82 15.36 32.55
C PRO V 28 1.82 16.29 33.27
N GLY W 1 26.18 12.37 32.54
CA GLY W 1 24.72 12.28 32.70
C GLY W 1 24.21 10.86 32.43
N ILE W 2 22.90 10.73 32.24
CA ILE W 2 22.25 9.38 32.24
C ILE W 2 22.83 8.39 31.19
N VAL W 3 23.15 8.89 29.99
CA VAL W 3 23.65 8.07 28.88
C VAL W 3 25.01 7.49 29.21
N GLU W 4 25.91 8.34 29.71
CA GLU W 4 27.23 7.90 30.12
C GLU W 4 27.08 6.82 31.21
N GLN W 5 26.31 7.10 32.26
CA GLN W 5 26.19 6.17 33.39
C GLN W 5 25.41 4.91 32.99
N CYS W 6 24.24 5.09 32.35
CA CYS W 6 23.25 3.99 32.25
C CYS W 6 23.22 3.28 30.89
N CYS W 7 24.00 3.75 29.89
CA CYS W 7 24.31 2.93 28.72
C CYS W 7 25.67 2.19 28.84
N THR W 8 26.42 2.41 29.93
CA THR W 8 27.67 1.65 30.15
C THR W 8 27.58 0.60 31.27
N SER W 9 26.58 0.73 32.12
CA SER W 9 26.36 -0.25 33.15
C SER W 9 24.84 -0.32 33.33
N ILE W 10 24.32 -1.41 33.84
CA ILE W 10 22.87 -1.55 33.98
C ILE W 10 22.51 -0.82 35.29
N CYS W 11 21.84 0.32 35.16
CA CYS W 11 21.38 1.10 36.33
C CYS W 11 20.22 0.51 37.08
N SER W 12 20.22 0.75 38.39
CA SER W 12 19.15 0.28 39.22
C SER W 12 18.05 1.33 39.13
N LEU W 13 16.87 0.99 39.61
CA LEU W 13 15.78 1.94 39.57
C LEU W 13 16.09 3.20 40.42
N TYR W 14 16.85 2.97 41.52
CA TYR W 14 17.38 4.07 42.39
C TYR W 14 18.31 5.02 41.65
N GLN W 15 19.21 4.46 40.83
CA GLN W 15 20.05 5.30 39.98
C GLN W 15 19.30 6.07 38.90
N LEU W 16 18.30 5.43 38.28
CA LEU W 16 17.44 6.08 37.31
C LEU W 16 16.59 7.19 37.97
N GLU W 17 16.11 6.96 39.17
CA GLU W 17 15.25 7.97 39.86
C GLU W 17 16.00 9.27 40.12
N ASN W 18 17.31 9.16 40.22
CA ASN W 18 18.21 10.31 40.35
C ASN W 18 18.05 11.32 39.24
N TYR W 19 17.56 10.89 38.08
CA TYR W 19 17.34 11.77 36.98
C TYR W 19 15.95 12.29 36.90
N CYS W 20 15.05 11.92 37.81
CA CYS W 20 13.68 12.47 37.77
C CYS W 20 13.66 13.92 38.24
N ASN W 21 12.63 14.68 37.84
CA ASN W 21 12.49 16.12 38.29
C ASN W 21 12.28 16.28 39.80
N PHE X 1 29.73 -2.87 21.78
CA PHE X 1 28.73 -2.47 20.72
C PHE X 1 27.40 -2.17 21.32
N VAL X 2 27.40 -1.35 22.39
CA VAL X 2 26.17 -0.68 22.85
C VAL X 2 25.96 0.55 21.94
N ASN X 3 24.92 0.57 21.10
CA ASN X 3 24.62 1.82 20.38
C ASN X 3 23.87 2.78 21.28
N GLN X 4 24.50 3.92 21.57
CA GLN X 4 24.01 4.84 22.61
C GLN X 4 22.70 5.53 22.27
N HIS X 5 22.44 5.79 21.00
CA HIS X 5 21.15 6.42 20.65
C HIS X 5 19.94 5.46 20.89
N LEU X 6 20.08 4.18 20.55
CA LEU X 6 19.09 3.16 20.86
C LEU X 6 18.92 2.98 22.37
N CYS X 7 20.01 2.98 23.13
CA CYS X 7 19.95 2.87 24.56
C CYS X 7 19.19 4.04 25.19
N GLY X 8 19.47 5.22 24.70
CA GLY X 8 18.78 6.39 25.17
C GLY X 8 17.27 6.25 25.02
N SER X 9 16.82 5.63 23.94
CA SER X 9 15.40 5.43 23.74
C SER X 9 14.79 4.51 24.84
N HIS X 10 15.48 3.44 25.23
CA HIS X 10 15.09 2.66 26.37
C HIS X 10 15.14 3.47 27.65
N LEU X 11 16.12 4.33 27.79
CA LEU X 11 16.24 5.03 29.06
C LEU X 11 15.09 6.01 29.29
N VAL X 12 14.68 6.69 28.24
CA VAL X 12 13.55 7.61 28.43
C VAL X 12 12.21 6.93 28.69
N GLU X 13 12.01 5.71 28.18
CA GLU X 13 10.84 4.93 28.49
C GLU X 13 10.94 4.54 29.93
N ALA X 14 12.13 4.19 30.40
CA ALA X 14 12.20 3.82 31.82
C ALA X 14 11.90 5.04 32.79
N LEU X 15 12.41 6.19 32.45
CA LEU X 15 12.16 7.40 33.23
C LEU X 15 10.67 7.76 33.23
N TYR X 16 9.98 7.51 32.11
CA TYR X 16 8.54 7.81 32.01
C TYR X 16 7.82 7.08 33.13
N LEU X 17 8.13 5.78 33.32
CA LEU X 17 7.53 4.97 34.39
C LEU X 17 8.08 5.31 35.80
N VAL X 18 9.40 5.40 35.92
CA VAL X 18 10.07 5.56 37.24
C VAL X 18 9.66 6.90 37.90
N CYS X 19 9.69 7.95 37.11
CA CYS X 19 9.51 9.30 37.59
C CYS X 19 8.04 9.69 37.73
N GLY X 20 7.13 9.01 37.03
CA GLY X 20 5.70 9.13 37.27
C GLY X 20 5.22 10.55 36.99
N GLU X 21 4.38 11.06 37.89
CA GLU X 21 3.80 12.38 37.81
C GLU X 21 4.86 13.51 37.78
N ARG X 22 6.00 13.27 38.39
CA ARG X 22 7.10 14.22 38.47
C ARG X 22 7.73 14.57 37.12
N GLY X 23 7.70 13.66 36.16
CA GLY X 23 8.46 13.88 34.95
C GLY X 23 9.97 14.04 35.10
N PHE X 24 10.60 14.53 34.05
CA PHE X 24 12.08 14.54 33.98
C PHE X 24 12.56 15.37 32.82
N PHE X 25 13.82 15.77 32.91
CA PHE X 25 14.57 16.39 31.81
C PHE X 25 15.48 15.30 31.28
N TYR X 26 15.51 15.13 29.98
CA TYR X 26 16.47 14.26 29.39
C TYR X 26 17.56 15.14 28.84
N THR X 27 18.73 15.16 29.47
CA THR X 27 19.90 15.91 28.95
C THR X 27 21.02 14.92 28.67
N PRO X 28 21.26 14.57 27.38
CA PRO X 28 22.32 13.59 27.04
C PRO X 28 23.75 14.16 26.95
N GLY Y 1 -5.53 -12.17 38.77
CA GLY Y 1 -4.37 -12.04 37.83
C GLY Y 1 -3.80 -10.64 37.86
N ILE Y 2 -2.56 -10.48 37.42
CA ILE Y 2 -1.88 -9.16 37.40
C ILE Y 2 -2.63 -8.12 36.52
N VAL Y 3 -3.31 -8.59 35.49
CA VAL Y 3 -4.09 -7.77 34.58
C VAL Y 3 -5.29 -7.19 35.36
N GLU Y 4 -5.77 -7.93 36.35
CA GLU Y 4 -6.68 -7.39 37.37
C GLU Y 4 -6.09 -6.18 38.12
N GLN Y 5 -5.09 -6.40 38.97
CA GLN Y 5 -4.58 -5.31 39.80
C GLN Y 5 -3.85 -4.15 39.04
N CYS Y 6 -3.39 -4.36 37.79
CA CYS Y 6 -2.61 -3.31 37.07
C CYS Y 6 -3.25 -2.64 35.89
N CYS Y 7 -4.14 -3.33 35.20
CA CYS Y 7 -4.83 -2.77 34.05
C CYS Y 7 -6.28 -2.28 34.42
N THR Y 8 -7.11 -3.14 35.00
CA THR Y 8 -8.47 -2.71 35.43
C THR Y 8 -8.44 -1.80 36.67
N SER Y 9 -7.54 -2.07 37.61
CA SER Y 9 -7.27 -1.17 38.73
C SER Y 9 -5.84 -0.63 38.56
N ILE Y 10 -5.42 0.24 39.45
CA ILE Y 10 -4.11 0.91 39.35
C ILE Y 10 -3.01 0.19 40.14
N CYS Y 11 -1.90 0.02 39.44
CA CYS Y 11 -0.75 -0.75 39.89
C CYS Y 11 0.18 0.28 40.54
N SER Y 12 1.29 -0.16 41.10
CA SER Y 12 2.44 0.73 41.36
C SER Y 12 3.67 -0.11 41.06
N LEU Y 13 4.79 0.53 40.75
CA LEU Y 13 5.95 -0.27 40.39
C LEU Y 13 6.33 -1.14 41.60
N TYR Y 14 6.08 -0.62 42.82
CA TYR Y 14 6.33 -1.38 44.06
C TYR Y 14 5.55 -2.68 44.11
N GLN Y 15 4.27 -2.63 43.73
CA GLN Y 15 3.41 -3.83 43.65
C GLN Y 15 3.93 -4.85 42.66
N LEU Y 16 4.45 -4.34 41.53
CA LEU Y 16 5.01 -5.23 40.49
C LEU Y 16 6.22 -5.96 40.96
N GLU Y 17 6.97 -5.39 41.91
CA GLU Y 17 8.15 -6.09 42.52
C GLU Y 17 7.76 -7.48 42.96
N ASN Y 18 6.52 -7.62 43.44
CA ASN Y 18 6.03 -8.93 43.87
C ASN Y 18 6.00 -10.05 42.83
N TYR Y 19 5.99 -9.69 41.53
CA TYR Y 19 5.97 -10.69 40.47
C TYR Y 19 7.35 -11.09 39.96
N CYS Y 20 8.43 -10.57 40.53
CA CYS Y 20 9.76 -10.81 39.99
C CYS Y 20 10.22 -12.22 40.29
N HIS Z 5 -4.30 1.85 33.91
CA HIS Z 5 -2.98 2.56 33.79
C HIS Z 5 -1.99 1.72 32.95
N LEU Z 6 -1.86 0.42 33.24
CA LEU Z 6 -0.85 -0.47 32.58
C LEU Z 6 -1.48 -1.70 31.95
N CYS Z 7 -1.73 -1.65 30.65
CA CYS Z 7 -2.37 -2.77 29.98
C CYS Z 7 -1.58 -3.28 28.79
N GLY Z 8 -1.73 -4.53 28.44
CA GLY Z 8 -1.17 -5.03 27.18
C GLY Z 8 0.35 -5.05 27.25
N SER Z 9 1.02 -4.69 26.17
CA SER Z 9 2.49 -4.72 26.12
C SER Z 9 3.05 -3.69 27.10
N HIS Z 10 2.25 -2.68 27.47
CA HIS Z 10 2.70 -1.71 28.48
C HIS Z 10 2.89 -2.35 29.87
N LEU Z 11 2.15 -3.35 30.24
CA LEU Z 11 2.31 -4.02 31.51
C LEU Z 11 3.58 -4.93 31.45
N VAL Z 12 3.78 -5.55 30.29
CA VAL Z 12 5.01 -6.28 30.06
C VAL Z 12 6.22 -5.35 30.19
N GLU Z 13 6.15 -4.17 29.62
CA GLU Z 13 7.27 -3.22 29.68
C GLU Z 13 7.52 -2.78 31.13
N ALA Z 14 6.46 -2.62 31.95
CA ALA Z 14 6.68 -2.31 33.35
C ALA Z 14 7.23 -3.47 34.13
N LEU Z 15 6.78 -4.68 33.84
CA LEU Z 15 7.32 -5.86 34.47
C LEU Z 15 8.80 -5.95 34.09
N TYR Z 16 9.15 -5.65 32.82
CA TYR Z 16 10.57 -5.72 32.50
C TYR Z 16 11.39 -4.65 33.21
N LEU Z 17 10.84 -3.47 33.42
CA LEU Z 17 11.53 -2.42 34.11
C LEU Z 17 11.86 -2.82 35.59
N VAL Z 18 10.93 -3.41 36.30
CA VAL Z 18 11.13 -3.75 37.69
C VAL Z 18 11.84 -5.12 37.82
N CYS Z 19 11.44 -6.10 36.99
CA CYS Z 19 11.87 -7.51 37.17
C CYS Z 19 12.82 -8.07 36.11
N GLY Z 20 13.16 -7.26 35.11
CA GLY Z 20 13.93 -7.72 33.97
C GLY Z 20 15.28 -8.36 34.28
N GLU Z 21 15.93 -7.95 35.37
CA GLU Z 21 17.25 -8.57 35.68
C GLU Z 21 17.06 -9.95 36.32
N ARG Z 22 15.99 -10.11 37.08
CA ARG Z 22 15.64 -11.34 37.76
C ARG Z 22 14.77 -12.29 36.98
N GLY Z 23 13.94 -11.78 36.09
CA GLY Z 23 12.91 -12.60 35.46
C GLY Z 23 11.55 -12.46 36.11
N PHE Z 24 10.55 -13.02 35.42
CA PHE Z 24 9.17 -12.87 35.89
C PHE Z 24 8.31 -13.80 35.06
N PHE Z 25 7.11 -14.07 35.54
CA PHE Z 25 6.15 -14.89 34.82
C PHE Z 25 5.10 -13.90 34.36
N TYR Z 26 4.66 -13.96 33.11
CA TYR Z 26 3.49 -13.14 32.67
C TYR Z 26 2.46 -14.18 32.32
N THR Z 27 1.30 -14.09 32.99
CA THR Z 27 0.15 -14.95 32.74
C THR Z 27 -1.16 -14.12 32.73
N PRO Z 28 -1.59 -13.63 31.55
CA PRO Z 28 -2.79 -12.80 31.52
C PRO Z 28 -4.10 -13.60 31.71
N GLY AA 1 18.73 -20.84 27.42
CA GLY AA 1 18.24 -19.52 27.96
C GLY AA 1 17.99 -18.62 26.73
N ILE AA 2 16.94 -17.87 26.80
CA ILE AA 2 16.48 -17.08 25.66
C ILE AA 2 17.49 -16.03 25.26
N VAL AA 3 18.21 -15.45 26.24
CA VAL AA 3 19.10 -14.35 25.92
C VAL AA 3 20.28 -14.90 25.11
N GLU AA 4 20.86 -15.95 25.61
CA GLU AA 4 21.99 -16.62 24.92
C GLU AA 4 21.60 -17.03 23.46
N GLN AA 5 20.45 -17.69 23.31
CA GLN AA 5 19.94 -18.05 21.97
C GLN AA 5 19.56 -16.87 21.09
N CYS AA 6 18.72 -15.97 21.60
CA CYS AA 6 18.04 -15.02 20.76
C CYS AA 6 18.64 -13.62 20.76
N CYS AA 7 19.71 -13.39 21.53
CA CYS AA 7 20.47 -12.14 21.37
C CYS AA 7 21.83 -12.32 20.65
N THR AA 8 22.21 -13.54 20.37
CA THR AA 8 23.32 -13.85 19.46
C THR AA 8 22.89 -14.21 18.00
N SER AA 9 21.69 -14.73 17.81
CA SER AA 9 21.17 -14.98 16.46
C SER AA 9 19.71 -14.56 16.46
N ILE AA 10 19.20 -14.27 15.28
CA ILE AA 10 17.79 -13.85 15.21
C ILE AA 10 16.92 -15.13 15.30
N CYS AA 11 16.17 -15.24 16.39
CA CYS AA 11 15.23 -16.37 16.57
C CYS AA 11 13.99 -16.28 15.69
N SER AA 12 13.46 -17.45 15.20
CA SER AA 12 12.32 -17.43 14.32
C SER AA 12 11.20 -17.40 15.27
N LEU AA 13 9.99 -17.23 14.76
CA LEU AA 13 8.87 -17.31 15.64
C LEU AA 13 8.72 -18.67 16.34
N TYR AA 14 9.10 -19.74 15.64
CA TYR AA 14 9.04 -21.11 16.19
C TYR AA 14 9.90 -21.19 17.44
N GLN AA 15 11.11 -20.65 17.34
CA GLN AA 15 12.09 -20.65 18.45
C GLN AA 15 11.62 -19.87 19.66
N LEU AA 16 11.06 -18.66 19.41
CA LEU AA 16 10.52 -17.84 20.49
C LEU AA 16 9.39 -18.56 21.16
N GLU AA 17 8.56 -19.27 20.37
CA GLU AA 17 7.40 -19.91 20.95
C GLU AA 17 7.81 -21.04 21.93
N ASN AA 18 9.03 -21.51 21.77
CA ASN AA 18 9.65 -22.43 22.73
C ASN AA 18 9.72 -21.91 24.13
N TYR AA 19 9.71 -20.57 24.30
CA TYR AA 19 9.66 -19.97 25.62
C TYR AA 19 8.29 -19.61 26.16
N CYS AA 20 7.18 -19.94 25.47
CA CYS AA 20 5.83 -19.62 26.07
C CYS AA 20 5.46 -20.66 27.12
N ASN AA 21 4.48 -20.34 27.99
CA ASN AA 21 3.94 -21.34 28.93
C ASN AA 21 3.12 -22.36 28.14
N PHE BA 1 25.62 -7.12 31.40
CA PHE BA 1 25.89 -6.54 30.06
C PHE BA 1 24.67 -5.79 29.53
N VAL BA 2 24.92 -4.54 29.21
CA VAL BA 2 23.84 -3.60 28.84
C VAL BA 2 23.14 -4.06 27.58
N ASN BA 3 23.93 -4.44 26.57
CA ASN BA 3 23.37 -5.02 25.34
C ASN BA 3 22.39 -6.15 25.50
N GLN BA 4 22.66 -7.02 26.43
CA GLN BA 4 21.79 -8.15 26.71
C GLN BA 4 20.51 -7.62 27.38
N HIS BA 5 20.61 -6.62 28.24
CA HIS BA 5 19.44 -6.07 28.92
C HIS BA 5 18.56 -5.38 27.90
N LEU BA 6 19.16 -4.65 26.97
CA LEU BA 6 18.37 -4.01 25.90
C LEU BA 6 17.72 -5.07 25.01
N CYS BA 7 18.47 -6.10 24.61
CA CYS BA 7 17.87 -7.19 23.87
C CYS BA 7 16.69 -7.87 24.56
N GLY BA 8 16.87 -8.13 25.85
CA GLY BA 8 15.81 -8.72 26.66
C GLY BA 8 14.53 -7.95 26.65
N SER BA 9 14.68 -6.64 26.57
CA SER BA 9 13.55 -5.78 26.54
C SER BA 9 12.71 -6.03 25.27
N HIS BA 10 13.39 -6.21 24.14
CA HIS BA 10 12.74 -6.60 22.91
C HIS BA 10 12.16 -8.00 22.97
N LEU BA 11 12.86 -8.90 23.58
CA LEU BA 11 12.46 -10.29 23.63
C LEU BA 11 11.13 -10.43 24.35
N VAL BA 12 10.92 -9.68 25.43
CA VAL BA 12 9.70 -9.92 26.23
C VAL BA 12 8.46 -9.29 25.49
N GLU BA 13 8.70 -8.21 24.73
CA GLU BA 13 7.61 -7.66 23.86
C GLU BA 13 7.31 -8.64 22.75
N ALA BA 14 8.32 -9.33 22.21
CA ALA BA 14 8.04 -10.43 21.30
C ALA BA 14 7.25 -11.65 21.87
N LEU BA 15 7.66 -12.13 23.03
CA LEU BA 15 6.94 -13.17 23.74
C LEU BA 15 5.49 -12.76 24.13
N TYR BA 16 5.26 -11.50 24.47
CA TYR BA 16 3.93 -11.01 24.73
C TYR BA 16 3.03 -11.29 23.51
N LEU BA 17 3.50 -10.94 22.31
CA LEU BA 17 2.73 -11.17 21.08
C LEU BA 17 2.69 -12.65 20.65
N VAL BA 18 3.78 -13.40 20.73
CA VAL BA 18 3.82 -14.78 20.27
C VAL BA 18 2.99 -15.68 21.12
N CYS BA 19 3.10 -15.52 22.43
CA CYS BA 19 2.52 -16.46 23.36
C CYS BA 19 0.99 -16.23 23.53
N GLY BA 20 0.50 -15.05 23.16
CA GLY BA 20 -0.90 -14.66 23.38
C GLY BA 20 -1.38 -14.96 24.79
N GLU BA 21 -2.60 -15.52 24.88
CA GLU BA 21 -3.21 -15.91 26.16
C GLU BA 21 -2.38 -16.81 27.11
N ARG BA 22 -1.56 -17.69 26.54
CA ARG BA 22 -0.77 -18.66 27.32
C ARG BA 22 0.26 -17.99 28.20
N GLY BA 23 0.74 -16.81 27.79
CA GLY BA 23 1.70 -16.06 28.55
C GLY BA 23 3.05 -16.75 28.50
N PHE BA 24 3.99 -16.27 29.32
CA PHE BA 24 5.36 -16.77 29.20
C PHE BA 24 6.10 -16.58 30.45
N PHE BA 25 7.24 -17.28 30.53
CA PHE BA 25 8.16 -17.22 31.63
C PHE BA 25 9.43 -16.59 31.08
N TYR BA 26 9.88 -15.50 31.68
CA TYR BA 26 11.07 -14.84 31.22
C TYR BA 26 12.12 -15.13 32.28
N THR BA 27 13.15 -15.89 31.93
CA THR BA 27 14.24 -16.17 32.87
C THR BA 27 15.53 -15.79 32.11
N PRO BA 28 16.15 -14.63 32.41
CA PRO BA 28 17.39 -14.19 31.73
C PRO BA 28 18.70 -14.93 32.15
N LYS BA 29 18.68 -15.63 33.29
CA LYS BA 29 19.84 -16.35 33.85
C LYS BA 29 19.45 -17.78 34.23
N GLY CA 1 -29.42 21.01 5.28
CA GLY CA 1 -28.01 20.93 4.87
C GLY CA 1 -27.44 22.31 4.57
N ILE CA 2 -26.25 22.37 3.96
CA ILE CA 2 -25.58 23.66 3.78
C ILE CA 2 -26.36 24.70 3.02
N VAL CA 3 -27.05 24.29 1.95
CA VAL CA 3 -27.88 25.21 1.17
C VAL CA 3 -28.99 25.81 2.07
N GLU CA 4 -29.63 24.97 2.87
CA GLU CA 4 -30.63 25.48 3.81
C GLU CA 4 -29.97 26.38 4.85
N GLN CA 5 -28.84 25.99 5.39
CA GLN CA 5 -28.20 26.83 6.44
C GLN CA 5 -27.62 28.16 5.89
N CYS CA 6 -27.23 28.21 4.61
CA CYS CA 6 -26.42 29.34 4.05
C CYS CA 6 -26.98 30.10 2.84
N CYS CA 7 -27.80 29.45 2.04
CA CYS CA 7 -28.40 30.10 0.89
C CYS CA 7 -29.81 30.65 1.22
N THR CA 8 -30.73 29.84 1.76
CA THR CA 8 -32.09 30.33 2.18
C THR CA 8 -32.06 31.14 3.49
N SER CA 9 -31.36 30.66 4.52
CA SER CA 9 -30.96 31.48 5.65
C SER CA 9 -29.55 31.98 5.42
N ILE CA 10 -29.12 32.87 6.32
CA ILE CA 10 -27.80 33.44 6.33
C ILE CA 10 -26.86 32.64 7.24
N CYS CA 11 -25.67 32.27 6.76
CA CYS CA 11 -24.60 31.79 7.65
C CYS CA 11 -23.44 32.78 7.62
N SER CA 12 -22.57 32.70 8.61
CA SER CA 12 -21.33 33.48 8.61
C SER CA 12 -20.20 32.56 8.21
N LEU CA 13 -19.04 33.16 8.01
CA LEU CA 13 -17.86 32.37 7.73
C LEU CA 13 -17.46 31.47 8.90
N TYR CA 14 -17.69 31.94 10.12
CA TYR CA 14 -17.48 31.10 11.33
C TYR CA 14 -18.32 29.80 11.29
N GLN CA 15 -19.56 29.92 10.83
CA GLN CA 15 -20.43 28.73 10.79
C GLN CA 15 -20.02 27.79 9.69
N LEU CA 16 -19.64 28.39 8.55
CA LEU CA 16 -19.10 27.60 7.42
C LEU CA 16 -17.88 26.76 7.79
N GLU CA 17 -17.11 27.22 8.77
CA GLU CA 17 -15.97 26.47 9.23
C GLU CA 17 -16.32 25.05 9.75
N ASN CA 18 -17.59 24.85 10.14
CA ASN CA 18 -18.10 23.52 10.55
C ASN CA 18 -18.22 22.51 9.43
N TYR CA 19 -18.07 22.94 8.17
CA TYR CA 19 -18.03 22.00 7.07
C TYR CA 19 -16.61 21.65 6.66
N CYS CA 20 -15.58 22.27 7.24
CA CYS CA 20 -14.22 21.83 6.95
C CYS CA 20 -13.98 20.42 7.41
N ASN CA 21 -13.18 19.65 6.65
CA ASN CA 21 -12.64 18.33 7.11
C ASN CA 21 -11.43 18.49 8.05
N HIS DA 5 -28.21 34.49 1.07
CA HIS DA 5 -26.98 35.27 0.75
C HIS DA 5 -25.81 34.47 0.14
N LEU DA 6 -25.50 33.22 0.53
CA LEU DA 6 -24.46 32.45 -0.24
C LEU DA 6 -25.07 31.32 -0.98
N CYS DA 7 -25.23 31.46 -2.29
CA CYS DA 7 -25.91 30.50 -3.13
C CYS DA 7 -25.06 30.01 -4.31
N GLY DA 8 -25.31 28.78 -4.71
CA GLY DA 8 -24.74 28.23 -5.95
C GLY DA 8 -23.23 28.23 -5.86
N SER DA 9 -22.56 28.76 -6.89
CA SER DA 9 -21.10 28.71 -6.95
C SER DA 9 -20.45 29.61 -5.91
N HIS DA 10 -21.20 30.62 -5.44
CA HIS DA 10 -20.64 31.51 -4.43
C HIS DA 10 -20.55 30.85 -3.07
N LEU DA 11 -21.38 29.86 -2.86
CA LEU DA 11 -21.29 29.05 -1.65
C LEU DA 11 -20.02 28.16 -1.67
N VAL DA 12 -19.66 27.62 -2.83
CA VAL DA 12 -18.44 26.87 -3.00
C VAL DA 12 -17.19 27.77 -2.87
N GLU DA 13 -17.24 28.97 -3.44
CA GLU DA 13 -16.18 29.98 -3.17
C GLU DA 13 -16.04 30.26 -1.66
N ALA DA 14 -17.11 30.41 -0.90
CA ALA DA 14 -16.91 30.68 0.53
C ALA DA 14 -16.39 29.43 1.28
N LEU DA 15 -16.83 28.24 0.88
CA LEU DA 15 -16.24 27.02 1.45
C LEU DA 15 -14.77 26.92 1.14
N TYR DA 16 -14.33 27.36 -0.05
CA TYR DA 16 -12.92 27.21 -0.36
C TYR DA 16 -12.10 28.21 0.46
N LEU DA 17 -12.67 29.38 0.65
CA LEU DA 17 -12.06 30.48 1.45
C LEU DA 17 -11.81 30.00 2.91
N VAL DA 18 -12.80 29.39 3.53
CA VAL DA 18 -12.66 28.93 4.89
C VAL DA 18 -11.95 27.55 4.98
N CYS DA 19 -12.24 26.63 4.06
CA CYS DA 19 -11.78 25.23 4.19
C CYS DA 19 -10.80 24.74 3.10
N GLY DA 20 -10.42 25.59 2.15
CA GLY DA 20 -9.62 25.16 1.02
C GLY DA 20 -8.28 24.52 1.37
N GLU DA 21 -7.71 24.87 2.53
CA GLU DA 21 -6.42 24.19 2.96
C GLU DA 21 -6.67 22.84 3.65
N ARG DA 22 -7.84 22.67 4.25
CA ARG DA 22 -8.24 21.47 5.02
C ARG DA 22 -9.06 20.48 4.17
N GLY DA 23 -9.84 21.01 3.25
CA GLY DA 23 -10.66 20.11 2.39
C GLY DA 23 -12.06 20.27 2.92
N PHE DA 24 -13.06 19.87 2.15
CA PHE DA 24 -14.45 19.95 2.60
C PHE DA 24 -15.33 19.03 1.72
N PHE DA 25 -16.51 18.69 2.23
CA PHE DA 25 -17.50 17.93 1.49
C PHE DA 25 -18.56 18.95 1.10
N TYR DA 26 -18.91 19.04 -0.20
CA TYR DA 26 -20.07 19.82 -0.67
C TYR DA 26 -21.14 18.89 -1.17
N THR DA 27 -22.32 18.99 -0.54
CA THR DA 27 -23.44 18.12 -0.78
C THR DA 27 -24.66 19.05 -0.81
N PRO DA 28 -25.10 19.48 -2.00
CA PRO DA 28 -26.20 20.42 -2.08
C PRO DA 28 -27.54 19.87 -1.58
N GLY EA 1 -4.00 13.11 -5.59
CA GLY EA 1 -5.25 13.89 -5.45
C GLY EA 1 -5.49 14.80 -6.63
N ILE EA 2 -6.56 15.56 -6.56
CA ILE EA 2 -6.96 16.44 -7.68
C ILE EA 2 -5.93 17.50 -8.01
N VAL EA 3 -5.22 18.01 -6.99
CA VAL EA 3 -4.37 19.17 -7.21
C VAL EA 3 -3.16 18.71 -8.01
N GLU EA 4 -2.59 17.60 -7.58
CA GLU EA 4 -1.45 16.96 -8.23
C GLU EA 4 -1.79 16.59 -9.65
N GLN EA 5 -2.95 15.99 -9.85
CA GLN EA 5 -3.34 15.62 -11.20
C GLN EA 5 -3.71 16.84 -12.05
N CYS EA 6 -4.57 17.71 -11.51
CA CYS EA 6 -5.22 18.73 -12.36
C CYS EA 6 -4.63 20.15 -12.31
N CYS EA 7 -3.61 20.39 -11.49
CA CYS EA 7 -2.85 21.65 -11.55
C CYS EA 7 -1.49 21.57 -12.27
N THR EA 8 -1.10 20.33 -12.63
CA THR EA 8 0.13 20.03 -13.34
C THR EA 8 -0.15 19.79 -14.82
N SER EA 9 -1.34 19.31 -15.13
CA SER EA 9 -1.80 19.06 -16.47
C SER EA 9 -3.30 19.48 -16.53
N ILE EA 10 -3.79 19.78 -17.72
CA ILE EA 10 -5.16 20.21 -17.89
C ILE EA 10 -6.07 18.97 -17.93
N CYS EA 11 -6.86 18.76 -16.88
CA CYS EA 11 -7.78 17.64 -16.83
C CYS EA 11 -8.91 17.76 -17.80
N SER EA 12 -9.32 16.63 -18.37
CA SER EA 12 -10.58 16.54 -19.10
C SER EA 12 -11.77 16.53 -18.17
N LEU EA 13 -12.96 16.75 -18.72
CA LEU EA 13 -14.16 16.63 -17.91
C LEU EA 13 -14.32 15.22 -17.30
N TYR EA 14 -13.86 14.18 -18.03
CA TYR EA 14 -13.91 12.78 -17.49
C TYR EA 14 -13.05 12.64 -16.26
N GLN EA 15 -11.89 13.26 -16.31
CA GLN EA 15 -10.95 13.24 -15.23
C GLN EA 15 -11.44 13.99 -14.01
N LEU EA 16 -12.05 15.16 -14.19
CA LEU EA 16 -12.72 15.88 -13.08
C LEU EA 16 -13.90 15.17 -12.47
N GLU EA 17 -14.71 14.52 -13.31
CA GLU EA 17 -15.90 13.79 -12.80
C GLU EA 17 -15.49 12.67 -11.87
N ASN EA 18 -14.24 12.26 -11.98
CA ASN EA 18 -13.64 11.26 -11.08
C ASN EA 18 -13.65 11.68 -9.61
N TYR EA 19 -13.78 13.00 -9.31
CA TYR EA 19 -13.72 13.50 -7.96
C TYR EA 19 -15.10 13.83 -7.42
N CYS EA 20 -16.14 13.60 -8.22
CA CYS EA 20 -17.51 13.78 -7.77
C CYS EA 20 -17.93 12.67 -6.78
N ASN EA 21 -18.99 12.95 -6.00
CA ASN EA 21 -19.48 12.05 -4.90
C ASN EA 21 -20.38 10.98 -5.44
N PHE FA 1 2.05 25.86 -1.58
CA PHE FA 1 2.27 26.65 -2.83
C PHE FA 1 1.02 27.53 -3.10
N VAL FA 2 1.26 28.80 -3.47
CA VAL FA 2 0.18 29.74 -3.76
C VAL FA 2 -0.41 29.42 -5.11
N ASN FA 3 0.38 28.99 -6.08
CA ASN FA 3 -0.17 28.62 -7.38
C ASN FA 3 -1.10 27.46 -7.25
N GLN FA 4 -0.76 26.52 -6.38
CA GLN FA 4 -1.62 25.36 -6.18
C GLN FA 4 -2.91 25.82 -5.48
N HIS FA 5 -2.80 26.80 -4.59
CA HIS FA 5 -3.94 27.26 -3.85
C HIS FA 5 -4.91 27.98 -4.82
N LEU FA 6 -4.39 28.78 -5.73
CA LEU FA 6 -5.16 29.46 -6.74
C LEU FA 6 -5.75 28.46 -7.71
N CYS FA 7 -4.96 27.53 -8.23
CA CYS FA 7 -5.51 26.46 -9.01
C CYS FA 7 -6.69 25.73 -8.35
N GLY FA 8 -6.55 25.42 -7.06
CA GLY FA 8 -7.60 24.78 -6.28
C GLY FA 8 -8.92 25.54 -6.24
N SER FA 9 -8.87 26.85 -6.15
CA SER FA 9 -10.10 27.63 -6.19
C SER FA 9 -10.81 27.48 -7.55
N HIS FA 10 -10.05 27.42 -8.66
CA HIS FA 10 -10.61 27.11 -9.96
C HIS FA 10 -11.16 25.65 -10.04
N LEU FA 11 -10.47 24.71 -9.45
CA LEU FA 11 -10.84 23.32 -9.46
C LEU FA 11 -12.20 23.11 -8.78
N VAL FA 12 -12.44 23.74 -7.63
CA VAL FA 12 -13.71 23.54 -6.95
C VAL FA 12 -14.88 24.20 -7.68
N GLU FA 13 -14.62 25.30 -8.38
CA GLU FA 13 -15.62 25.89 -9.26
C GLU FA 13 -15.98 24.95 -10.41
N ALA FA 14 -14.98 24.21 -10.96
CA ALA FA 14 -15.23 23.27 -12.03
C ALA FA 14 -16.07 22.04 -11.50
N LEU FA 15 -15.72 21.56 -10.32
CA LEU FA 15 -16.40 20.43 -9.70
C LEU FA 15 -17.83 20.77 -9.37
N TYR FA 16 -18.07 21.98 -8.90
CA TYR FA 16 -19.43 22.48 -8.69
C TYR FA 16 -20.31 22.23 -9.95
N LEU FA 17 -19.83 22.64 -11.11
CA LEU FA 17 -20.54 22.54 -12.38
C LEU FA 17 -20.55 21.06 -12.83
N VAL FA 18 -19.43 20.37 -12.76
CA VAL FA 18 -19.36 18.97 -13.36
C VAL FA 18 -20.20 17.99 -12.57
N CYS FA 19 -20.13 18.14 -11.28
CA CYS FA 19 -20.76 17.20 -10.39
C CYS FA 19 -22.24 17.43 -10.17
N GLY FA 20 -22.72 18.68 -10.25
CA GLY FA 20 -24.16 18.98 -10.04
C GLY FA 20 -24.69 18.48 -8.68
N GLU FA 21 -25.91 17.88 -8.68
CA GLU FA 21 -26.57 17.34 -7.49
C GLU FA 21 -25.74 16.41 -6.65
N ARG FA 22 -24.84 15.63 -7.24
CA ARG FA 22 -24.02 14.68 -6.49
C ARG FA 22 -23.06 15.38 -5.52
N GLY FA 23 -22.65 16.60 -5.84
CA GLY FA 23 -21.66 17.24 -5.03
C GLY FA 23 -20.32 16.55 -5.18
N PHE FA 24 -19.42 16.93 -4.30
CA PHE FA 24 -18.03 16.51 -4.42
C PHE FA 24 -17.35 16.62 -3.10
N PHE FA 25 -16.25 15.89 -2.94
CA PHE FA 25 -15.35 15.99 -1.77
C PHE FA 25 -14.09 16.65 -2.25
N TYR FA 26 -13.68 17.74 -1.63
CA TYR FA 26 -12.45 18.36 -2.06
C TYR FA 26 -11.41 17.99 -1.00
N THR FA 27 -10.37 17.26 -1.40
CA THR FA 27 -9.29 16.75 -0.49
C THR FA 27 -7.96 17.22 -1.08
N PRO FA 28 -7.45 18.40 -0.66
CA PRO FA 28 -6.18 18.90 -1.25
C PRO FA 28 -4.89 18.20 -0.77
N LYS FA 29 -4.96 17.49 0.37
CA LYS FA 29 -3.81 16.72 0.88
C LYS FA 29 -4.31 15.53 1.73
ZN ZN GA . 31.69 25.56 -15.34
CL CL HA . 34.37 25.09 -15.65
N ARG IA . 33.47 21.99 -18.66
CA ARG IA . 32.37 21.39 -17.83
C ARG IA . 32.88 20.57 -16.62
O ARG IA . 32.35 19.51 -16.26
CB ARG IA . 31.40 20.56 -18.72
CG ARG IA . 29.97 21.10 -18.81
CD ARG IA . 28.91 20.06 -18.50
NE ARG IA . 27.56 20.64 -18.41
CZ ARG IA . 26.56 20.28 -17.59
NH1 ARG IA . 26.68 19.31 -16.69
NH2 ARG IA . 25.39 20.91 -17.68
OXT ARG IA . 33.83 20.95 -15.90
OH SRO JA . 13.91 27.64 -1.65
CZ3 SRO JA . 15.02 27.99 -2.37
CH2 SRO JA . 15.13 27.63 -3.74
CZ2 SRO JA . 16.24 27.96 -4.51
CE2 SRO JA . 17.30 28.63 -3.91
NE1 SRO JA . 18.48 29.09 -4.35
CD1 SRO JA . 19.19 29.70 -3.37
CG SRO JA . 18.46 29.72 -2.19
CD2 SRO JA . 17.18 29.01 -2.49
CE3 SRO JA . 16.05 28.66 -1.75
CB SRO JA . 18.98 30.35 -0.93
CA SRO JA . 18.12 31.56 -0.52
NZ SRO JA . 18.35 31.85 0.90
ZN ZN KA . 15.87 28.33 -13.55
CL CL LA . 13.55 28.73 -13.29
OH SRO MA . -8.46 -6.49 2.08
CZ3 SRO MA . -8.19 -7.73 1.56
CH2 SRO MA . -7.18 -7.90 0.61
CZ2 SRO MA . -6.87 -9.19 0.08
CE2 SRO MA . -7.59 -10.31 0.50
NE1 SRO MA . -7.58 -11.64 0.24
CD1 SRO MA . -8.55 -12.26 0.98
CG SRO MA . -9.23 -11.37 1.76
CD2 SRO MA . -8.63 -10.09 1.50
CE3 SRO MA . -8.93 -8.82 2.01
CB SRO MA . -10.34 -11.65 2.73
CA SRO MA . -9.82 -11.76 4.18
NZ SRO MA . -8.51 -12.39 4.24
ZN ZN NA . -2.20 -14.93 -19.48
CL CL OA . 0.09 -15.53 -19.72
N ARG PA . 1.36 -13.85 -15.69
CA ARG PA . 0.71 -14.95 -14.89
C ARG PA . 0.30 -16.20 -15.74
O ARG PA . -0.77 -16.34 -16.36
CB ARG PA . -0.42 -14.33 -14.01
CG ARG PA . -1.70 -15.12 -13.74
CD ARG PA . -2.59 -14.37 -12.75
NE ARG PA . -3.99 -14.40 -13.18
CZ ARG PA . -4.90 -13.44 -12.99
NH1 ARG PA . -4.64 -12.27 -12.40
NH2 ARG PA . -6.13 -13.64 -13.44
OXT ARG PA . 1.10 -17.15 -15.86
OH SRO QA . -19.34 -0.93 -23.76
CZ3 SRO QA . -18.40 -1.91 -23.87
CH2 SRO QA . -18.32 -2.95 -22.94
CZ2 SRO QA . -17.35 -3.96 -23.04
CE2 SRO QA . -16.46 -3.98 -24.10
NE1 SRO QA . -15.47 -4.76 -24.55
CD1 SRO QA . -14.91 -4.26 -25.69
CG SRO QA . -15.52 -3.09 -26.08
CD2 SRO QA . -16.56 -2.87 -25.07
CE3 SRO QA . -17.49 -1.85 -24.90
CB SRO QA . -15.29 -2.20 -27.29
CA SRO QA . -16.48 -2.38 -28.26
NZ SRO QA . -16.54 -1.39 -29.37
ZN ZN RA . -18.11 -11.71 -18.21
OH SRO SA . -23.37 -20.90 -24.08
CZ3 SRO SA . -22.17 -20.82 -23.50
CH2 SRO SA . -21.63 -19.54 -23.23
CZ2 SRO SA . -20.39 -19.44 -22.62
CE2 SRO SA . -19.68 -20.59 -22.27
NE1 SRO SA . -18.45 -20.82 -21.71
CD1 SRO SA . -18.20 -22.17 -21.56
CG SRO SA . -19.26 -22.91 -22.07
CD2 SRO SA . -20.26 -21.91 -22.58
CE3 SRO SA . -21.52 -21.98 -23.15
CB SRO SA . -19.34 -24.43 -22.11
CA SRO SA . -20.60 -24.93 -21.34
NZ SRO SA . -20.77 -26.37 -21.57
OH SRO TA . -10.01 1.61 -35.03
CZ3 SRO TA . -9.26 1.67 -33.87
CH2 SRO TA . -8.26 0.72 -33.60
CZ2 SRO TA . -7.49 0.78 -32.41
CE2 SRO TA . -7.70 1.81 -31.46
NE1 SRO TA . -7.18 2.19 -30.26
CD1 SRO TA . -7.81 3.31 -29.77
CG SRO TA . -8.80 3.74 -30.64
CD2 SRO TA . -8.79 2.76 -31.76
CE3 SRO TA . -9.52 2.71 -32.96
CB SRO TA . -9.74 4.94 -30.50
CA SRO TA . -9.30 6.15 -31.31
NZ SRO TA . -7.84 6.29 -31.24
N ARG UA . 0.08 -12.06 -23.86
CA ARG UA . 0.16 -10.95 -22.83
C ARG UA . -0.32 -11.20 -21.38
O ARG UA . -1.23 -10.47 -20.92
CB ARG UA . -0.61 -9.77 -23.34
CG ARG UA . -1.88 -9.54 -22.55
CD ARG UA . -2.86 -8.79 -23.37
NE ARG UA . -4.14 -8.66 -22.69
CZ ARG UA . -5.31 -8.90 -23.27
NH1 ARG UA . -5.35 -9.29 -24.54
NH2 ARG UA . -6.42 -8.75 -22.57
OXT ARG UA . 0.20 -12.02 -20.59
OH SRO VA . -15.82 -30.87 -28.85
CZ3 SRO VA . -15.37 -31.26 -27.65
CH2 SRO VA . -14.12 -30.81 -27.36
CZ2 SRO VA . -13.55 -31.14 -26.16
CE2 SRO VA . -14.24 -31.92 -25.24
NE1 SRO VA . -13.92 -32.37 -24.01
CD1 SRO VA . -14.92 -33.08 -23.46
CG SRO VA . -16.00 -33.14 -24.34
CD2 SRO VA . -15.58 -32.37 -25.54
CE3 SRO VA . -16.14 -32.04 -26.78
CB SRO VA . -17.27 -33.90 -24.02
CA SRO VA . -16.94 -35.34 -23.58
NZ SRO VA . -17.15 -36.36 -24.62
N ARG WA . -0.63 -19.20 -22.94
CA ARG WA . -1.43 -19.33 -21.68
C ARG WA . -0.63 -19.68 -20.43
O ARG WA . -0.82 -20.76 -19.87
CB ARG WA . -2.52 -20.38 -21.90
CG ARG WA . -3.71 -19.83 -22.64
CD ARG WA . -4.93 -20.64 -22.41
NE ARG WA . -6.11 -19.80 -22.38
CZ ARG WA . -7.20 -20.05 -21.67
NH1 ARG WA . -7.26 -21.09 -20.86
NH2 ARG WA . -8.22 -19.22 -21.74
OXT ARG WA . 0.22 -18.92 -19.94
OH SRO XA . -20.10 -11.65 -6.28
CZ3 SRO XA . -18.97 -11.42 -7.02
CH2 SRO XA . -18.96 -11.78 -8.39
CZ2 SRO XA . -17.80 -11.56 -9.17
CE2 SRO XA . -16.66 -10.97 -8.59
NE1 SRO XA . -15.38 -10.65 -8.99
CD1 SRO XA . -14.66 -10.06 -7.97
CG SRO XA . -15.44 -9.98 -6.81
CD2 SRO XA . -16.74 -10.62 -7.14
CE3 SRO XA . -17.87 -10.89 -6.41
CB SRO XA . -15.01 -9.43 -5.49
CA SRO XA . -15.89 -8.19 -5.13
NZ SRO XA . -15.52 -7.66 -3.78
CL CL YA . -20.31 -11.25 -18.01
OH SRO ZA . 5.10 -17.68 10.44
CZ3 SRO ZA . 4.48 -17.48 11.63
CH2 SRO ZA . 3.52 -16.46 11.77
CZ2 SRO ZA . 2.85 -16.21 12.98
CE2 SRO ZA . 3.16 -16.99 14.10
NE1 SRO ZA . 2.75 -17.04 15.37
CD1 SRO ZA . 3.41 -18.00 16.11
CG SRO ZA . 4.31 -18.67 15.28
CD2 SRO ZA . 4.18 -18.05 13.93
CE3 SRO ZA . 4.82 -18.30 12.72
CB SRO ZA . 5.19 -19.82 15.63
CA SRO ZA . 4.69 -21.08 14.94
NZ SRO ZA . 3.37 -21.51 15.35
ZN ZN AB . 0.30 1.78 23.63
OH SRO BB . -4.83 0.41 2.01
CZ3 SRO BB . -6.05 0.82 2.48
CH2 SRO BB . -7.17 0.02 2.24
CZ2 SRO BB . -8.44 0.39 2.69
CE2 SRO BB . -8.59 1.58 3.39
NE1 SRO BB . -9.64 2.22 3.96
CD1 SRO BB . -9.25 3.38 4.55
CG SRO BB . -7.87 3.57 4.39
CD2 SRO BB . -7.40 2.41 3.64
CE3 SRO BB . -6.14 2.03 3.18
CB SRO BB . -7.02 4.71 4.86
CA SRO BB . -5.70 4.53 4.15
NZ SRO BB . -5.96 4.75 2.75
OH SRO CB . 19.41 6.36 12.83
CZ3 SRO CB . 18.40 6.37 13.72
CH2 SRO CB . 18.08 5.17 14.43
CZ2 SRO CB . 17.03 5.20 15.36
CE2 SRO CB . 16.36 6.40 15.61
NE1 SRO CB . 15.36 6.77 16.45
CD1 SRO CB . 15.06 8.10 16.32
CG SRO CB . 15.87 8.69 15.37
CD2 SRO CB . 16.75 7.62 14.88
CE3 SRO CB . 17.78 7.59 13.95
CB SRO CB . 15.87 10.13 14.97
CA SRO CB . 16.97 10.85 15.74
NZ SRO CB . 17.49 11.95 14.93
OH SRO DB . 10.92 15.80 8.02
CZ3 SRO DB . 10.53 16.17 9.27
CH2 SRO DB . 9.40 15.54 9.84
CZ2 SRO DB . 8.96 15.89 11.11
CE2 SRO DB . 9.64 16.87 11.84
NE1 SRO DB . 9.50 17.45 13.06
CD1 SRO DB . 10.47 18.38 13.31
CG SRO DB . 11.33 18.50 12.23
CD2 SRO DB . 10.83 17.51 11.23
CE3 SRO DB . 11.25 17.15 9.96
CB SRO DB . 12.51 19.42 12.10
CA SRO DB . 13.84 18.82 12.59
NZ SRO DB . 14.92 19.79 12.50
ZN ZN EB . 16.07 -1.35 21.58
CL CL FB . 18.22 -1.78 21.31
OH SRO GB . 20.92 1.06 32.50
CZ3 SRO GB . 19.69 0.73 32.03
CH2 SRO GB . 19.37 0.79 30.65
CZ2 SRO GB . 18.09 0.43 30.22
CE2 SRO GB . 17.13 -0.02 31.16
NE1 SRO GB . 15.86 -0.49 31.12
CD1 SRO GB . 15.41 -0.81 32.35
CG SRO GB . 16.41 -0.61 33.32
CD2 SRO GB . 17.56 -0.10 32.57
CE3 SRO GB . 18.80 0.29 32.96
CB SRO GB . 16.33 -0.89 34.79
CA SRO GB . 17.17 -2.10 35.17
NZ SRO GB . 17.54 -2.24 36.63
OH SRO HB . 13.03 4.09 42.93
CZ3 SRO HB . 12.16 3.07 42.70
CH2 SRO HB . 11.04 3.31 41.89
CZ2 SRO HB . 10.13 2.28 41.63
CE2 SRO HB . 10.36 1.03 42.21
NE1 SRO HB . 9.70 -0.14 42.16
CD1 SRO HB . 10.31 -1.11 42.91
CG SRO HB . 11.46 -0.65 43.53
CD2 SRO HB . 11.54 0.78 43.08
CE3 SRO HB . 12.42 1.83 43.30
CB SRO HB . 12.36 -1.47 44.42
CA SRO HB . 13.26 -2.44 43.62
NZ SRO HB . 14.59 -1.94 43.36
CL CL IB . -1.97 1.79 24.18
OH SRO JB . 16.33 -13.09 18.24
CZ3 SRO JB . 15.37 -12.12 18.19
CH2 SRO JB . 15.45 -10.94 18.98
CZ2 SRO JB . 14.43 -9.98 18.94
CE2 SRO JB . 13.32 -10.12 18.14
NE1 SRO JB . 12.22 -9.37 17.88
CD1 SRO JB . 11.45 -9.99 16.95
CG SRO JB . 12.02 -11.21 16.53
CD2 SRO JB . 13.26 -11.32 17.30
CE3 SRO JB . 14.25 -12.30 17.36
CB SRO JB . 11.49 -12.20 15.52
CA SRO JB . 12.31 -12.12 14.20
NZ SRO JB . 12.19 -13.35 13.38
OH SRO KB . -11.65 30.44 11.72
CZ3 SRO KB . -12.19 31.57 11.16
CH2 SRO KB . -13.39 31.47 10.43
CZ2 SRO KB . -13.96 32.58 9.79
CE2 SRO KB . -13.35 33.84 9.91
NE1 SRO KB . -13.61 35.07 9.43
CD1 SRO KB . -12.65 35.97 9.81
CG SRO KB . -11.66 35.34 10.56
CD2 SRO KB . -12.07 33.92 10.65
CE3 SRO KB . -11.54 32.80 11.29
CB SRO KB . -10.46 35.96 11.21
CA SRO KB . -10.70 36.15 12.73
NZ SRO KB . -11.67 37.18 13.06
ZN ZN LB . -23.10 35.15 -9.14
CL CL MB . -24.80 35.45 -8.95
OH SRO NB . -6.84 20.85 -14.87
CZ3 SRO NB . -7.78 21.83 -14.88
CH2 SRO NB . -7.72 22.97 -14.04
CZ2 SRO NB . -8.75 23.97 -14.06
CE2 SRO NB . -9.82 23.82 -14.94
NE1 SRO NB . -10.93 24.55 -15.23
CD1 SRO NB . -11.68 23.93 -16.21
CG SRO NB . -11.07 22.71 -16.64
CD2 SRO NB . -9.85 22.60 -15.80
CE3 SRO NB . -8.85 21.65 -15.72
CB SRO NB . -11.59 21.76 -17.68
CA SRO NB . -10.65 21.69 -18.87
NZ SRO NB . -10.87 20.40 -19.61
ZN ZN OB . -7.33 32.39 -10.93
CL CL PB . -5.14 32.01 -11.17
#